data_150D
# 
_entry.id   150D 
# 
_audit_conform.dict_name       mmcif_pdbx.dic 
_audit_conform.dict_version    5.385 
_audit_conform.dict_location   http://mmcif.pdb.org/dictionaries/ascii/mmcif_pdbx.dic 
# 
loop_
_database_2.database_id 
_database_2.database_code 
_database_2.pdbx_database_accession 
_database_2.pdbx_DOI 
PDB   150D         pdb_0000150d 10.2210/pdb150d/pdb 
RCSB  BDLB54       ?            ?                   
WWPDB D_1000170115 ?            ?                   
# 
loop_
_pdbx_audit_revision_history.ordinal 
_pdbx_audit_revision_history.data_content_type 
_pdbx_audit_revision_history.major_revision 
_pdbx_audit_revision_history.minor_revision 
_pdbx_audit_revision_history.revision_date 
1 'Structure model' 1 0 1994-05-31 
2 'Structure model' 1 1 2008-05-22 
3 'Structure model' 1 2 2011-07-13 
4 'Structure model' 1 3 2024-02-07 
# 
_pdbx_audit_revision_details.ordinal             1 
_pdbx_audit_revision_details.revision_ordinal    1 
_pdbx_audit_revision_details.data_content_type   'Structure model' 
_pdbx_audit_revision_details.provider            repository 
_pdbx_audit_revision_details.type                'Initial release' 
_pdbx_audit_revision_details.description         ? 
_pdbx_audit_revision_details.details             ? 
# 
loop_
_pdbx_audit_revision_group.ordinal 
_pdbx_audit_revision_group.revision_ordinal 
_pdbx_audit_revision_group.data_content_type 
_pdbx_audit_revision_group.group 
1 2 'Structure model' 'Version format compliance' 
2 3 'Structure model' 'Version format compliance' 
3 4 'Structure model' 'Data collection'           
4 4 'Structure model' 'Database references'       
5 4 'Structure model' 'Derived calculations'      
# 
loop_
_pdbx_audit_revision_category.ordinal 
_pdbx_audit_revision_category.revision_ordinal 
_pdbx_audit_revision_category.data_content_type 
_pdbx_audit_revision_category.category 
1 4 'Structure model' chem_comp_atom         
2 4 'Structure model' chem_comp_bond         
3 4 'Structure model' database_2             
4 4 'Structure model' pdbx_struct_conn_angle 
5 4 'Structure model' struct_conn            
6 4 'Structure model' struct_conn_type       
7 4 'Structure model' struct_site            
# 
loop_
_pdbx_audit_revision_item.ordinal 
_pdbx_audit_revision_item.revision_ordinal 
_pdbx_audit_revision_item.data_content_type 
_pdbx_audit_revision_item.item 
1  4 'Structure model' '_database_2.pdbx_DOI'                        
2  4 'Structure model' '_database_2.pdbx_database_accession'         
3  4 'Structure model' '_pdbx_struct_conn_angle.ptnr1_auth_asym_id'  
4  4 'Structure model' '_pdbx_struct_conn_angle.ptnr1_auth_seq_id'   
5  4 'Structure model' '_pdbx_struct_conn_angle.ptnr1_label_asym_id' 
6  4 'Structure model' '_pdbx_struct_conn_angle.ptnr3_auth_asym_id'  
7  4 'Structure model' '_pdbx_struct_conn_angle.ptnr3_auth_seq_id'   
8  4 'Structure model' '_pdbx_struct_conn_angle.ptnr3_label_asym_id' 
9  4 'Structure model' '_pdbx_struct_conn_angle.value'               
10 4 'Structure model' '_struct_conn.conn_type_id'                   
11 4 'Structure model' '_struct_conn.id'                             
12 4 'Structure model' '_struct_conn.pdbx_dist_value'                
13 4 'Structure model' '_struct_conn.pdbx_leaving_atom_flag'         
14 4 'Structure model' '_struct_conn.ptnr1_auth_asym_id'             
15 4 'Structure model' '_struct_conn.ptnr1_auth_comp_id'             
16 4 'Structure model' '_struct_conn.ptnr1_auth_seq_id'              
17 4 'Structure model' '_struct_conn.ptnr1_label_asym_id'            
18 4 'Structure model' '_struct_conn.ptnr1_label_atom_id'            
19 4 'Structure model' '_struct_conn.ptnr1_label_comp_id'            
20 4 'Structure model' '_struct_conn.ptnr1_label_seq_id'             
21 4 'Structure model' '_struct_conn.ptnr2_auth_asym_id'             
22 4 'Structure model' '_struct_conn.ptnr2_auth_comp_id'             
23 4 'Structure model' '_struct_conn.ptnr2_auth_seq_id'              
24 4 'Structure model' '_struct_conn.ptnr2_label_asym_id'            
25 4 'Structure model' '_struct_conn.ptnr2_label_atom_id'            
26 4 'Structure model' '_struct_conn.ptnr2_label_comp_id'            
27 4 'Structure model' '_struct_conn.ptnr2_label_seq_id'             
28 4 'Structure model' '_struct_conn_type.id'                        
29 4 'Structure model' '_struct_site.pdbx_auth_asym_id'              
30 4 'Structure model' '_struct_site.pdbx_auth_comp_id'              
31 4 'Structure model' '_struct_site.pdbx_auth_seq_id'               
# 
_pdbx_database_status.status_code                     REL 
_pdbx_database_status.entry_id                        150D 
_pdbx_database_status.recvd_initial_deposition_date   1993-12-02 
_pdbx_database_status.deposit_site                    BNL 
_pdbx_database_status.process_site                    NDB 
_pdbx_database_status.status_code_sf                  REL 
_pdbx_database_status.status_code_mr                  ? 
_pdbx_database_status.SG_entry                        ? 
_pdbx_database_status.pdb_format_compatible           Y 
_pdbx_database_status.status_code_cs                  ? 
_pdbx_database_status.status_code_nmr_data            ? 
_pdbx_database_status.methods_development_category    ? 
# 
loop_
_audit_author.name 
_audit_author.pdbx_ordinal 
'Leonard, G.A.'       1 
'McAuley-Hecht, K.E.' 2 
'Gibson, N.J.'        3 
'Brown, T.'           4 
'Watson, W.P.'        5 
'Hunter, W.N.'        6 
# 
_citation.id                        primary 
_citation.title                     'Guanine-1,N6-ethenoadenine base pairs in the crystal structure of d(CGCGAATT(epsilon dA)GCG).' 
_citation.journal_abbrev            Biochemistry 
_citation.journal_volume            33 
_citation.page_first                4755 
_citation.page_last                 4761 
_citation.year                      1994 
_citation.journal_id_ASTM           BICHAW 
_citation.country                   US 
_citation.journal_id_ISSN           0006-2960 
_citation.journal_id_CSD            0033 
_citation.book_publisher            ? 
_citation.pdbx_database_id_PubMed   8161534 
_citation.pdbx_database_id_DOI      10.1021/bi00182a002 
# 
loop_
_citation_author.citation_id 
_citation_author.name 
_citation_author.ordinal 
_citation_author.identifier_ORCID 
primary 'Leonard, G.A.'       1 ? 
primary 'McAuley-Hecht, K.E.' 2 ? 
primary 'Gibson, N.J.'        3 ? 
primary 'Brown, T.'           4 ? 
primary 'Watson, W.P.'        5 ? 
primary 'Hunter, W.N.'        6 ? 
# 
loop_
_entity.id 
_entity.type 
_entity.src_method 
_entity.pdbx_description 
_entity.formula_weight 
_entity.pdbx_number_of_molecules 
_entity.pdbx_ec 
_entity.pdbx_mutation 
_entity.pdbx_fragment 
_entity.details 
1 polymer     syn 
;DNA (5'-D(*CP*GP*CP*GP*AP*AP*TP*TP*(EDA)P*GP*CP*G)-3')
;
3711.438 2   ? ? ? ? 
2 non-polymer syn 'MAGNESIUM ION'                                          24.305   1   ? ? ? ? 
3 water       nat water                                                    18.015   128 ? ? ? ? 
# 
_entity_poly.entity_id                      1 
_entity_poly.type                           polydeoxyribonucleotide 
_entity_poly.nstd_linkage                   no 
_entity_poly.nstd_monomer                   yes 
_entity_poly.pdbx_seq_one_letter_code       '(DC)(DG)(DC)(DG)(DA)(DA)(DT)(DT)(EDA)(DG)(DC)(DG)' 
_entity_poly.pdbx_seq_one_letter_code_can   CGCGAATTAGCG 
_entity_poly.pdbx_strand_id                 A,B 
_entity_poly.pdbx_target_identifier         ? 
# 
loop_
_pdbx_entity_nonpoly.entity_id 
_pdbx_entity_nonpoly.name 
_pdbx_entity_nonpoly.comp_id 
2 'MAGNESIUM ION' MG  
3 water           HOH 
# 
loop_
_entity_poly_seq.entity_id 
_entity_poly_seq.num 
_entity_poly_seq.mon_id 
_entity_poly_seq.hetero 
1 1  DC  n 
1 2  DG  n 
1 3  DC  n 
1 4  DG  n 
1 5  DA  n 
1 6  DA  n 
1 7  DT  n 
1 8  DT  n 
1 9  EDA n 
1 10 DG  n 
1 11 DC  n 
1 12 DG  n 
# 
loop_
_chem_comp.id 
_chem_comp.type 
_chem_comp.mon_nstd_flag 
_chem_comp.name 
_chem_comp.pdbx_synonyms 
_chem_comp.formula 
_chem_comp.formula_weight 
DA  'DNA linking' y "2'-DEOXYADENOSINE-5'-MONOPHOSPHATE"                                            ? 'C10 H14 N5 O6 P' 331.222 
DC  'DNA linking' y "2'-DEOXYCYTIDINE-5'-MONOPHOSPHATE"                                             ? 'C9 H14 N3 O7 P'  307.197 
DG  'DNA linking' y "2'-DEOXYGUANOSINE-5'-MONOPHOSPHATE"                                            ? 'C10 H14 N5 O7 P' 347.221 
DT  'DNA linking' y "THYMIDINE-5'-MONOPHOSPHATE"                                                    ? 'C10 H15 N2 O8 P' 322.208 
EDA 'DNA linking' n "3-[2-DEOXY-RIBOFURANOSYL]-3H-1,3,4,5A,8-PENTAAZA-AS-INDACENE-5'-MONOPHOSPHATE" ? 'C12 H14 N5 O6 P' 355.243 
HOH non-polymer   . WATER                                                                           ? 'H2 O'            18.015  
MG  non-polymer   . 'MAGNESIUM ION'                                                                 ? 'Mg 2'            24.305  
# 
loop_
_pdbx_poly_seq_scheme.asym_id 
_pdbx_poly_seq_scheme.entity_id 
_pdbx_poly_seq_scheme.seq_id 
_pdbx_poly_seq_scheme.mon_id 
_pdbx_poly_seq_scheme.ndb_seq_num 
_pdbx_poly_seq_scheme.pdb_seq_num 
_pdbx_poly_seq_scheme.auth_seq_num 
_pdbx_poly_seq_scheme.pdb_mon_id 
_pdbx_poly_seq_scheme.auth_mon_id 
_pdbx_poly_seq_scheme.pdb_strand_id 
_pdbx_poly_seq_scheme.pdb_ins_code 
_pdbx_poly_seq_scheme.hetero 
A 1 1  DC  1  1  1  DC  C  A . n 
A 1 2  DG  2  2  2  DG  G  A . n 
A 1 3  DC  3  3  3  DC  C  A . n 
A 1 4  DG  4  4  4  DG  G  A . n 
A 1 5  DA  5  5  5  DA  A  A . n 
A 1 6  DA  6  6  6  DA  A  A . n 
A 1 7  DT  7  7  7  DT  T  A . n 
A 1 8  DT  8  8  8  DT  T  A . n 
A 1 9  EDA 9  9  9  EDA +A A . n 
A 1 10 DG  10 10 10 DG  G  A . n 
A 1 11 DC  11 11 11 DC  C  A . n 
A 1 12 DG  12 12 12 DG  G  A . n 
B 1 1  DC  1  13 13 DC  C  B . n 
B 1 2  DG  2  14 14 DG  G  B . n 
B 1 3  DC  3  15 15 DC  C  B . n 
B 1 4  DG  4  16 16 DG  G  B . n 
B 1 5  DA  5  17 17 DA  A  B . n 
B 1 6  DA  6  18 18 DA  A  B . n 
B 1 7  DT  7  19 19 DT  T  B . n 
B 1 8  DT  8  20 20 DT  T  B . n 
B 1 9  EDA 9  21 21 EDA +A B . n 
B 1 10 DG  10 22 22 DG  G  B . n 
B 1 11 DC  11 23 23 DC  C  B . n 
B 1 12 DG  12 24 24 DG  G  B . n 
# 
loop_
_pdbx_nonpoly_scheme.asym_id 
_pdbx_nonpoly_scheme.entity_id 
_pdbx_nonpoly_scheme.mon_id 
_pdbx_nonpoly_scheme.ndb_seq_num 
_pdbx_nonpoly_scheme.pdb_seq_num 
_pdbx_nonpoly_scheme.auth_seq_num 
_pdbx_nonpoly_scheme.pdb_mon_id 
_pdbx_nonpoly_scheme.auth_mon_id 
_pdbx_nonpoly_scheme.pdb_strand_id 
_pdbx_nonpoly_scheme.pdb_ins_code 
C 2 MG  1  25  25  MG  MO6 A . 
D 3 HOH 1  26  26  HOH HOH A . 
D 3 HOH 2  28  28  HOH HOH A . 
D 3 HOH 3  29  29  HOH HOH A . 
D 3 HOH 4  30  30  HOH HOH A . 
D 3 HOH 5  31  31  HOH HOH A . 
D 3 HOH 6  34  34  HOH HOH A . 
D 3 HOH 7  35  35  HOH HOH A . 
D 3 HOH 8  38  38  HOH HOH A . 
D 3 HOH 9  43  43  HOH HOH A . 
D 3 HOH 10 55  55  HOH HOH A . 
D 3 HOH 11 56  56  HOH HOH A . 
D 3 HOH 12 57  57  HOH HOH A . 
D 3 HOH 13 59  59  HOH HOH A . 
D 3 HOH 14 68  68  HOH HOH A . 
D 3 HOH 15 69  69  HOH HOH A . 
D 3 HOH 16 70  70  HOH HOH A . 
D 3 HOH 17 71  71  HOH HOH A . 
D 3 HOH 18 72  72  HOH HOH A . 
D 3 HOH 19 83  83  HOH HOH A . 
D 3 HOH 20 86  86  HOH HOH A . 
D 3 HOH 21 87  87  HOH HOH A . 
D 3 HOH 22 90  90  HOH HOH A . 
D 3 HOH 23 91  91  HOH HOH A . 
D 3 HOH 24 92  92  HOH HOH A . 
D 3 HOH 25 94  94  HOH HOH A . 
D 3 HOH 26 95  95  HOH HOH A . 
D 3 HOH 27 96  96  HOH HOH A . 
D 3 HOH 28 97  97  HOH HOH A . 
D 3 HOH 29 104 104 HOH HOH A . 
D 3 HOH 30 105 105 HOH HOH A . 
D 3 HOH 31 106 106 HOH HOH A . 
D 3 HOH 32 107 107 HOH HOH A . 
D 3 HOH 33 108 108 HOH HOH A . 
D 3 HOH 34 109 109 HOH HOH A . 
D 3 HOH 35 110 110 HOH HOH A . 
D 3 HOH 36 111 111 HOH HOH A . 
D 3 HOH 37 113 113 HOH HOH A . 
D 3 HOH 38 114 114 HOH HOH A . 
D 3 HOH 39 115 115 HOH HOH A . 
D 3 HOH 40 116 116 HOH HOH A . 
D 3 HOH 41 117 117 HOH HOH A . 
D 3 HOH 42 118 118 HOH HOH A . 
D 3 HOH 43 119 119 HOH HOH A . 
D 3 HOH 44 120 120 HOH HOH A . 
D 3 HOH 45 123 123 HOH HOH A . 
D 3 HOH 46 124 124 HOH HOH A . 
D 3 HOH 47 126 126 HOH HOH A . 
D 3 HOH 48 128 128 HOH HOH A . 
D 3 HOH 49 129 129 HOH HOH A . 
D 3 HOH 50 130 130 HOH HOH A . 
D 3 HOH 51 132 132 HOH HOH A . 
D 3 HOH 52 134 134 HOH HOH A . 
D 3 HOH 53 135 135 HOH HOH A . 
D 3 HOH 54 136 136 HOH HOH A . 
D 3 HOH 55 138 138 HOH HOH A . 
D 3 HOH 56 139 139 HOH HOH A . 
D 3 HOH 57 141 141 HOH HOH A . 
D 3 HOH 58 146 146 HOH HOH A . 
D 3 HOH 59 147 147 HOH HOH A . 
D 3 HOH 60 148 25  HOH MO6 A . 
D 3 HOH 61 150 25  HOH MO6 A . 
D 3 HOH 62 153 25  HOH MO6 A . 
E 3 HOH 1  27  27  HOH HOH B . 
E 3 HOH 2  32  32  HOH HOH B . 
E 3 HOH 3  33  33  HOH HOH B . 
E 3 HOH 4  36  36  HOH HOH B . 
E 3 HOH 5  37  37  HOH HOH B . 
E 3 HOH 6  39  39  HOH HOH B . 
E 3 HOH 7  40  40  HOH HOH B . 
E 3 HOH 8  41  41  HOH HOH B . 
E 3 HOH 9  42  42  HOH HOH B . 
E 3 HOH 10 44  44  HOH HOH B . 
E 3 HOH 11 45  45  HOH HOH B . 
E 3 HOH 12 46  46  HOH HOH B . 
E 3 HOH 13 47  47  HOH HOH B . 
E 3 HOH 14 48  48  HOH HOH B . 
E 3 HOH 15 49  49  HOH HOH B . 
E 3 HOH 16 50  50  HOH HOH B . 
E 3 HOH 17 51  51  HOH HOH B . 
E 3 HOH 18 52  52  HOH HOH B . 
E 3 HOH 19 53  53  HOH HOH B . 
E 3 HOH 20 54  54  HOH HOH B . 
E 3 HOH 21 58  58  HOH HOH B . 
E 3 HOH 22 60  60  HOH HOH B . 
E 3 HOH 23 61  61  HOH HOH B . 
E 3 HOH 24 62  62  HOH HOH B . 
E 3 HOH 25 63  63  HOH HOH B . 
E 3 HOH 26 64  64  HOH HOH B . 
E 3 HOH 27 65  65  HOH HOH B . 
E 3 HOH 28 66  66  HOH HOH B . 
E 3 HOH 29 67  67  HOH HOH B . 
E 3 HOH 30 73  73  HOH HOH B . 
E 3 HOH 31 74  74  HOH HOH B . 
E 3 HOH 32 75  75  HOH HOH B . 
E 3 HOH 33 76  76  HOH HOH B . 
E 3 HOH 34 77  77  HOH HOH B . 
E 3 HOH 35 78  78  HOH HOH B . 
E 3 HOH 36 79  79  HOH HOH B . 
E 3 HOH 37 80  80  HOH HOH B . 
E 3 HOH 38 81  81  HOH HOH B . 
E 3 HOH 39 82  82  HOH HOH B . 
E 3 HOH 40 84  84  HOH HOH B . 
E 3 HOH 41 85  85  HOH HOH B . 
E 3 HOH 42 88  88  HOH HOH B . 
E 3 HOH 43 89  89  HOH HOH B . 
E 3 HOH 44 93  93  HOH HOH B . 
E 3 HOH 45 98  98  HOH HOH B . 
E 3 HOH 46 99  99  HOH HOH B . 
E 3 HOH 47 100 100 HOH HOH B . 
E 3 HOH 48 101 101 HOH HOH B . 
E 3 HOH 49 102 102 HOH HOH B . 
E 3 HOH 50 103 103 HOH HOH B . 
E 3 HOH 51 112 112 HOH HOH B . 
E 3 HOH 52 121 121 HOH HOH B . 
E 3 HOH 53 122 122 HOH HOH B . 
E 3 HOH 54 125 125 HOH HOH B . 
E 3 HOH 55 127 127 HOH HOH B . 
E 3 HOH 56 131 131 HOH HOH B . 
E 3 HOH 57 133 133 HOH HOH B . 
E 3 HOH 58 137 137 HOH HOH B . 
E 3 HOH 59 140 140 HOH HOH B . 
E 3 HOH 60 142 142 HOH HOH B . 
E 3 HOH 61 143 143 HOH HOH B . 
E 3 HOH 62 144 144 HOH HOH B . 
E 3 HOH 63 145 145 HOH HOH B . 
E 3 HOH 64 149 25  HOH MO6 B . 
E 3 HOH 65 151 25  HOH MO6 B . 
E 3 HOH 66 152 25  HOH MO6 B . 
# 
loop_
_software.name 
_software.classification 
_software.version 
_software.citation_id 
_software.pdbx_ordinal 
X-PLOR refinement . ? 1 
NUCLSQ refinement . ? 2 
# 
_cell.entry_id           150D 
_cell.length_a           24.311 
_cell.length_b           39.648 
_cell.length_c           63.050 
_cell.angle_alpha        90.00 
_cell.angle_beta         90.00 
_cell.angle_gamma        90.00 
_cell.Z_PDB              8 
_cell.pdbx_unique_axis   ? 
# 
_symmetry.entry_id                         150D 
_symmetry.space_group_name_H-M             'P 21 21 21' 
_symmetry.pdbx_full_space_group_name_H-M   ? 
_symmetry.cell_setting                     ? 
_symmetry.Int_Tables_number                19 
# 
_exptl.entry_id          150D 
_exptl.method            'X-RAY DIFFRACTION' 
_exptl.crystals_number   ? 
# 
_exptl_crystal.id                    1 
_exptl_crystal.density_meas          ? 
_exptl_crystal.density_Matthews      2.05 
_exptl_crystal.density_percent_sol   39.91 
_exptl_crystal.description           ? 
# 
_exptl_crystal_grow.crystal_id      1 
_exptl_crystal_grow.method          'VAPOR DIFFUSION, SITTING DROP' 
_exptl_crystal_grow.temp            277.00 
_exptl_crystal_grow.temp_details    ? 
_exptl_crystal_grow.pH              6.50 
_exptl_crystal_grow.pdbx_details    'pH 6.50, VAPOR DIFFUSION, SITTING DROP, temperature 277.00K' 
_exptl_crystal_grow.pdbx_pH_range   ? 
# 
loop_
_exptl_crystal_grow_comp.crystal_id 
_exptl_crystal_grow_comp.id 
_exptl_crystal_grow_comp.sol_id 
_exptl_crystal_grow_comp.name 
_exptl_crystal_grow_comp.volume 
_exptl_crystal_grow_comp.conc 
_exptl_crystal_grow_comp.details 
1 1 1 WATER           ? ? ? 
1 2 1 MPD             ? ? ? 
1 3 1 'NA CACODYLATE' ? ? ? 
1 4 1 MGCL2           ? ? ? 
1 5 1 SPERMINE_HCL    ? ? ? 
1 6 2 WATER           ? ? ? 
1 7 2 MPD             ? ? ? 
# 
_diffrn.id                     1 
_diffrn.ambient_temp           297.00 
_diffrn.ambient_temp_details   ? 
_diffrn.crystal_id             1 
# 
_diffrn_detector.diffrn_id              1 
_diffrn_detector.detector               'IMAGE PLATE' 
_diffrn_detector.type                   'RIGAKU RAXIS IIC' 
_diffrn_detector.pdbx_collection_date   ? 
_diffrn_detector.details                ? 
# 
_diffrn_radiation.diffrn_id                        1 
_diffrn_radiation.wavelength_id                    1 
_diffrn_radiation.pdbx_monochromatic_or_laue_m_l   ? 
_diffrn_radiation.monochromator                    ? 
_diffrn_radiation.pdbx_diffrn_protocol             ? 
_diffrn_radiation.pdbx_scattering_type             x-ray 
# 
_diffrn_radiation_wavelength.id           1 
_diffrn_radiation_wavelength.wavelength   . 
_diffrn_radiation_wavelength.wt           1.0 
# 
_diffrn_source.diffrn_id                   1 
_diffrn_source.source                      'ROTATING ANODE' 
_diffrn_source.type                        'RIGAKU RU200' 
_diffrn_source.pdbx_synchrotron_site       ? 
_diffrn_source.pdbx_synchrotron_beamline   ? 
_diffrn_source.pdbx_wavelength             ? 
_diffrn_source.pdbx_wavelength_list        ? 
# 
_reflns.entry_id                     150D 
_reflns.observed_criterion_sigma_I   0.500 
_reflns.observed_criterion_sigma_F   ? 
_reflns.d_resolution_low             ? 
_reflns.d_resolution_high            2.250 
_reflns.number_obs                   9932 
_reflns.number_all                   12357 
_reflns.percent_possible_obs         ? 
_reflns.pdbx_Rmerge_I_obs            ? 
_reflns.pdbx_Rsym_value              ? 
_reflns.pdbx_netI_over_sigmaI        ? 
_reflns.B_iso_Wilson_estimate        ? 
_reflns.pdbx_redundancy              ? 
_reflns.pdbx_diffrn_id               1 
_reflns.pdbx_ordinal                 1 
# 
_refine.entry_id                                 150D 
_refine.ls_number_reflns_obs                     2837 
_refine.ls_number_reflns_all                     ? 
_refine.pdbx_ls_sigma_I                          ? 
_refine.pdbx_ls_sigma_F                          2.000 
_refine.pdbx_data_cutoff_high_absF               ? 
_refine.pdbx_data_cutoff_low_absF                ? 
_refine.pdbx_data_cutoff_high_rms_absF           ? 
_refine.ls_d_res_low                             7.000 
_refine.ls_d_res_high                            2.250 
_refine.ls_percent_reflns_obs                    ? 
_refine.ls_R_factor_obs                          0.182 
_refine.ls_R_factor_all                          ? 
_refine.ls_R_factor_R_work                       0.182 
_refine.ls_R_factor_R_free                       ? 
_refine.ls_R_factor_R_free_error                 ? 
_refine.ls_R_factor_R_free_error_details         ? 
_refine.ls_percent_reflns_R_free                 ? 
_refine.ls_number_reflns_R_free                  ? 
_refine.ls_number_parameters                     ? 
_refine.ls_number_restraints                     ? 
_refine.occupancy_min                            ? 
_refine.occupancy_max                            ? 
_refine.B_iso_mean                               ? 
_refine.aniso_B[1][1]                            ? 
_refine.aniso_B[2][2]                            ? 
_refine.aniso_B[3][3]                            ? 
_refine.aniso_B[1][2]                            ? 
_refine.aniso_B[1][3]                            ? 
_refine.aniso_B[2][3]                            ? 
_refine.solvent_model_details                    ? 
_refine.solvent_model_param_ksol                 ? 
_refine.solvent_model_param_bsol                 ? 
_refine.pdbx_ls_cross_valid_method               ? 
_refine.details                                  ? 
_refine.pdbx_starting_model                      ? 
_refine.pdbx_method_to_determine_struct          ? 
_refine.pdbx_isotropic_thermal_model             ? 
_refine.pdbx_stereochemistry_target_values       ? 
_refine.pdbx_stereochem_target_val_spec_case     ? 
_refine.pdbx_R_Free_selection_details            ? 
_refine.pdbx_overall_ESU_R                       ? 
_refine.pdbx_overall_ESU_R_Free                  ? 
_refine.overall_SU_ML                            ? 
_refine.overall_SU_B                             ? 
_refine.pdbx_refine_id                           'X-RAY DIFFRACTION' 
_refine.pdbx_diffrn_id                           1 
_refine.pdbx_TLS_residual_ADP_flag               ? 
_refine.correlation_coeff_Fo_to_Fc               ? 
_refine.correlation_coeff_Fo_to_Fc_free          ? 
_refine.pdbx_solvent_vdw_probe_radii             ? 
_refine.pdbx_solvent_ion_probe_radii             ? 
_refine.pdbx_solvent_shrinkage_radii             ? 
_refine.pdbx_overall_phase_error                 ? 
_refine.overall_SU_R_Cruickshank_DPI             ? 
_refine.pdbx_overall_SU_R_free_Cruickshank_DPI   ? 
_refine.pdbx_overall_SU_R_Blow_DPI               ? 
_refine.pdbx_overall_SU_R_free_Blow_DPI          ? 
# 
_refine_hist.pdbx_refine_id                   'X-RAY DIFFRACTION' 
_refine_hist.cycle_id                         LAST 
_refine_hist.pdbx_number_atoms_protein        0 
_refine_hist.pdbx_number_atoms_nucleic_acid   490 
_refine_hist.pdbx_number_atoms_ligand         11 
_refine_hist.number_atoms_solvent             122 
_refine_hist.number_atoms_total               623 
_refine_hist.d_res_high                       2.250 
_refine_hist.d_res_low                        7.000 
# 
_struct.entry_id                  150D 
_struct.title                     'GUANINE.1,N6-ETHENOADENINE BASE-PAIRS IN THE CRYSTAL STRUCTURE OF D(CGCGAATT(EDA)GCG)' 
_struct.pdbx_model_details        ? 
_struct.pdbx_CASP_flag            ? 
_struct.pdbx_model_type_details   ? 
# 
_struct_keywords.entry_id        150D 
_struct_keywords.pdbx_keywords   DNA 
_struct_keywords.text            'B-DNA, DOUBLE HELIX, MODIFIED, MISMATCHED, DNA' 
# 
loop_
_struct_asym.id 
_struct_asym.pdbx_blank_PDB_chainid_flag 
_struct_asym.pdbx_modified 
_struct_asym.entity_id 
_struct_asym.details 
A N N 1 ? 
B N N 1 ? 
C N N 2 ? 
D N N 3 ? 
E N N 3 ? 
# 
_struct_ref.id                         1 
_struct_ref.entity_id                  1 
_struct_ref.db_name                    PDB 
_struct_ref.db_code                    150D 
_struct_ref.pdbx_db_accession          150D 
_struct_ref.pdbx_db_isoform            ? 
_struct_ref.pdbx_seq_one_letter_code   ? 
_struct_ref.pdbx_align_begin           ? 
# 
loop_
_struct_ref_seq.align_id 
_struct_ref_seq.ref_id 
_struct_ref_seq.pdbx_PDB_id_code 
_struct_ref_seq.pdbx_strand_id 
_struct_ref_seq.seq_align_beg 
_struct_ref_seq.pdbx_seq_align_beg_ins_code 
_struct_ref_seq.seq_align_end 
_struct_ref_seq.pdbx_seq_align_end_ins_code 
_struct_ref_seq.pdbx_db_accession 
_struct_ref_seq.db_align_beg 
_struct_ref_seq.pdbx_db_align_beg_ins_code 
_struct_ref_seq.db_align_end 
_struct_ref_seq.pdbx_db_align_end_ins_code 
_struct_ref_seq.pdbx_auth_seq_align_beg 
_struct_ref_seq.pdbx_auth_seq_align_end 
1 1 150D A 1 ? 12 ? 150D 1  ? 12 ? 1  12 
2 1 150D B 1 ? 12 ? 150D 13 ? 24 ? 13 24 
# 
_pdbx_struct_assembly.id                   1 
_pdbx_struct_assembly.details              author_defined_assembly 
_pdbx_struct_assembly.method_details       ? 
_pdbx_struct_assembly.oligomeric_details   dimeric 
_pdbx_struct_assembly.oligomeric_count     2 
# 
_pdbx_struct_assembly_gen.assembly_id       1 
_pdbx_struct_assembly_gen.oper_expression   1 
_pdbx_struct_assembly_gen.asym_id_list      A,B,C,D,E 
# 
_pdbx_struct_oper_list.id                   1 
_pdbx_struct_oper_list.type                 'identity operation' 
_pdbx_struct_oper_list.name                 1_555 
_pdbx_struct_oper_list.symmetry_operation   x,y,z 
_pdbx_struct_oper_list.matrix[1][1]         1.0000000000 
_pdbx_struct_oper_list.matrix[1][2]         0.0000000000 
_pdbx_struct_oper_list.matrix[1][3]         0.0000000000 
_pdbx_struct_oper_list.vector[1]            0.0000000000 
_pdbx_struct_oper_list.matrix[2][1]         0.0000000000 
_pdbx_struct_oper_list.matrix[2][2]         1.0000000000 
_pdbx_struct_oper_list.matrix[2][3]         0.0000000000 
_pdbx_struct_oper_list.vector[2]            0.0000000000 
_pdbx_struct_oper_list.matrix[3][1]         0.0000000000 
_pdbx_struct_oper_list.matrix[3][2]         0.0000000000 
_pdbx_struct_oper_list.matrix[3][3]         1.0000000000 
_pdbx_struct_oper_list.vector[3]            0.0000000000 
# 
_struct_biol.id   1 
# 
loop_
_struct_conn.id 
_struct_conn.conn_type_id 
_struct_conn.pdbx_leaving_atom_flag 
_struct_conn.pdbx_PDB_id 
_struct_conn.ptnr1_label_asym_id 
_struct_conn.ptnr1_label_comp_id 
_struct_conn.ptnr1_label_seq_id 
_struct_conn.ptnr1_label_atom_id 
_struct_conn.pdbx_ptnr1_label_alt_id 
_struct_conn.pdbx_ptnr1_PDB_ins_code 
_struct_conn.pdbx_ptnr1_standard_comp_id 
_struct_conn.ptnr1_symmetry 
_struct_conn.ptnr2_label_asym_id 
_struct_conn.ptnr2_label_comp_id 
_struct_conn.ptnr2_label_seq_id 
_struct_conn.ptnr2_label_atom_id 
_struct_conn.pdbx_ptnr2_label_alt_id 
_struct_conn.pdbx_ptnr2_PDB_ins_code 
_struct_conn.ptnr1_auth_asym_id 
_struct_conn.ptnr1_auth_comp_id 
_struct_conn.ptnr1_auth_seq_id 
_struct_conn.ptnr2_auth_asym_id 
_struct_conn.ptnr2_auth_comp_id 
_struct_conn.ptnr2_auth_seq_id 
_struct_conn.ptnr2_symmetry 
_struct_conn.pdbx_ptnr3_label_atom_id 
_struct_conn.pdbx_ptnr3_label_seq_id 
_struct_conn.pdbx_ptnr3_label_comp_id 
_struct_conn.pdbx_ptnr3_label_asym_id 
_struct_conn.pdbx_ptnr3_label_alt_id 
_struct_conn.pdbx_ptnr3_PDB_ins_code 
_struct_conn.details 
_struct_conn.pdbx_dist_value 
_struct_conn.pdbx_value_order 
_struct_conn.pdbx_role 
covale1  covale both ? A DT  8  "O3'" ? ? ? 1_555 A EDA 9  P  ? ? A DT  8  A EDA 9   1_555 ? ? ? ? ? ? ?                1.594 ? ? 
covale2  covale both ? A EDA 9  "O3'" ? ? ? 1_555 A DG  10 P  ? ? A EDA 9  A DG  10  1_555 ? ? ? ? ? ? ?                1.591 ? ? 
covale3  covale both ? B DT  8  "O3'" ? ? ? 1_555 B EDA 9  P  ? ? B DT  20 B EDA 21  1_555 ? ? ? ? ? ? ?                1.587 ? ? 
covale4  covale both ? B EDA 9  "O3'" ? ? ? 1_555 B DG  10 P  ? ? B EDA 21 B DG  22  1_555 ? ? ? ? ? ? ?                1.591 ? ? 
metalc1  metalc ?    ? C MG  .  MG    ? ? ? 1_555 D HOH .  O  ? ? A MG  25 A HOH 148 1_555 ? ? ? ? ? ? ?                1.969 ? ? 
metalc2  metalc ?    ? C MG  .  MG    ? ? ? 1_555 D HOH .  O  ? ? A MG  25 A HOH 150 1_555 ? ? ? ? ? ? ?                1.978 ? ? 
metalc3  metalc ?    ? C MG  .  MG    ? ? ? 1_555 D HOH .  O  ? ? A MG  25 A HOH 153 1_555 ? ? ? ? ? ? ?                1.994 ? ? 
metalc4  metalc ?    ? C MG  .  MG    ? ? ? 1_555 E HOH .  O  ? ? A MG  25 B HOH 149 1_555 ? ? ? ? ? ? ?                2.005 ? ? 
metalc5  metalc ?    ? C MG  .  MG    ? ? ? 1_555 E HOH .  O  ? ? A MG  25 B HOH 151 1_555 ? ? ? ? ? ? ?                1.995 ? ? 
metalc6  metalc ?    ? C MG  .  MG    ? ? ? 1_555 E HOH .  O  ? ? A MG  25 B HOH 152 1_555 ? ? ? ? ? ? ?                1.977 ? ? 
hydrog1  hydrog ?    ? A DC  1  N3    ? ? ? 1_555 B DG  12 N1 ? ? A DC  1  B DG  24  1_555 ? ? ? ? ? ? WATSON-CRICK     ?     ? ? 
hydrog2  hydrog ?    ? A DC  1  N4    ? ? ? 1_555 B DG  12 O6 ? ? A DC  1  B DG  24  1_555 ? ? ? ? ? ? WATSON-CRICK     ?     ? ? 
hydrog3  hydrog ?    ? A DC  1  O2    ? ? ? 1_555 B DG  12 N2 ? ? A DC  1  B DG  24  1_555 ? ? ? ? ? ? WATSON-CRICK     ?     ? ? 
hydrog4  hydrog ?    ? A DG  2  N1    ? ? ? 1_555 B DC  11 N3 ? ? A DG  2  B DC  23  1_555 ? ? ? ? ? ? WATSON-CRICK     ?     ? ? 
hydrog5  hydrog ?    ? A DG  2  N2    ? ? ? 1_555 B DC  11 O2 ? ? A DG  2  B DC  23  1_555 ? ? ? ? ? ? WATSON-CRICK     ?     ? ? 
hydrog6  hydrog ?    ? A DG  2  O6    ? ? ? 1_555 B DC  11 N4 ? ? A DG  2  B DC  23  1_555 ? ? ? ? ? ? WATSON-CRICK     ?     ? ? 
hydrog7  hydrog ?    ? A DC  3  N3    ? ? ? 1_555 B DG  10 N1 ? ? A DC  3  B DG  22  1_555 ? ? ? ? ? ? WATSON-CRICK     ?     ? ? 
hydrog8  hydrog ?    ? A DC  3  N4    ? ? ? 1_555 B DG  10 O6 ? ? A DC  3  B DG  22  1_555 ? ? ? ? ? ? WATSON-CRICK     ?     ? ? 
hydrog9  hydrog ?    ? A DC  3  O2    ? ? ? 1_555 B DG  10 N2 ? ? A DC  3  B DG  22  1_555 ? ? ? ? ? ? WATSON-CRICK     ?     ? ? 
hydrog10 hydrog ?    ? A DG  4  N1    ? ? ? 1_555 B EDA 9  N7 ? ? A DG  4  B EDA 21  1_555 ? ? ? ? ? ? TYPE_9_PAIR      ?     ? ? 
hydrog11 hydrog ?    ? A DG  4  O6    ? ? ? 1_555 B EDA 9  N6 ? ? A DG  4  B EDA 21  1_555 ? ? ? ? ? ? TYPE_9_PAIR      ?     ? ? 
hydrog12 hydrog ?    ? A DA  5  N1    ? ? ? 1_555 B DT  8  N3 ? ? A DA  5  B DT  20  1_555 ? ? ? ? ? ? WATSON-CRICK     ?     ? ? 
hydrog13 hydrog ?    ? A DA  5  N6    ? ? ? 1_555 B DT  8  O4 ? ? A DA  5  B DT  20  1_555 ? ? ? ? ? ? WATSON-CRICK     ?     ? ? 
hydrog14 hydrog ?    ? A DA  6  N1    ? ? ? 1_555 B DT  7  N3 ? ? A DA  6  B DT  19  1_555 ? ? ? ? ? ? WATSON-CRICK     ?     ? ? 
hydrog15 hydrog ?    ? A DA  6  N6    ? ? ? 1_555 B DT  7  O4 ? ? A DA  6  B DT  19  1_555 ? ? ? ? ? ? WATSON-CRICK     ?     ? ? 
hydrog16 hydrog ?    ? A DT  7  N3    ? ? ? 1_555 B DA  6  N1 ? ? A DT  7  B DA  18  1_555 ? ? ? ? ? ? WATSON-CRICK     ?     ? ? 
hydrog17 hydrog ?    ? A DT  7  O4    ? ? ? 1_555 B DA  6  N6 ? ? A DT  7  B DA  18  1_555 ? ? ? ? ? ? WATSON-CRICK     ?     ? ? 
hydrog18 hydrog ?    ? A DT  8  N3    ? ? ? 1_555 B DA  5  N1 ? ? A DT  8  B DA  17  1_555 ? ? ? ? ? ? WATSON-CRICK     ?     ? ? 
hydrog19 hydrog ?    ? A DT  8  O4    ? ? ? 1_555 B DA  5  N6 ? ? A DT  8  B DA  17  1_555 ? ? ? ? ? ? WATSON-CRICK     ?     ? ? 
hydrog20 hydrog ?    ? A EDA 9  N6    ? ? ? 1_555 B DG  4  O6 ? ? A EDA 9  B DG  16  1_555 ? ? ? ? ? ? 'EDA-DG MISPAIR' ?     ? ? 
hydrog21 hydrog ?    ? A DG  10 N1    ? ? ? 1_555 B DC  3  N3 ? ? A DG  10 B DC  15  1_555 ? ? ? ? ? ? WATSON-CRICK     ?     ? ? 
hydrog22 hydrog ?    ? A DG  10 N2    ? ? ? 1_555 B DC  3  O2 ? ? A DG  10 B DC  15  1_555 ? ? ? ? ? ? WATSON-CRICK     ?     ? ? 
hydrog23 hydrog ?    ? A DG  10 O6    ? ? ? 1_555 B DC  3  N4 ? ? A DG  10 B DC  15  1_555 ? ? ? ? ? ? WATSON-CRICK     ?     ? ? 
hydrog24 hydrog ?    ? A DC  11 N3    ? ? ? 1_555 B DG  2  N1 ? ? A DC  11 B DG  14  1_555 ? ? ? ? ? ? WATSON-CRICK     ?     ? ? 
hydrog25 hydrog ?    ? A DC  11 N4    ? ? ? 1_555 B DG  2  O6 ? ? A DC  11 B DG  14  1_555 ? ? ? ? ? ? WATSON-CRICK     ?     ? ? 
hydrog26 hydrog ?    ? A DC  11 O2    ? ? ? 1_555 B DG  2  N2 ? ? A DC  11 B DG  14  1_555 ? ? ? ? ? ? WATSON-CRICK     ?     ? ? 
hydrog27 hydrog ?    ? A DG  12 N1    ? ? ? 1_555 B DC  1  N3 ? ? A DG  12 B DC  13  1_555 ? ? ? ? ? ? WATSON-CRICK     ?     ? ? 
hydrog28 hydrog ?    ? A DG  12 N2    ? ? ? 1_555 B DC  1  O2 ? ? A DG  12 B DC  13  1_555 ? ? ? ? ? ? WATSON-CRICK     ?     ? ? 
hydrog29 hydrog ?    ? A DG  12 O6    ? ? ? 1_555 B DC  1  N4 ? ? A DG  12 B DC  13  1_555 ? ? ? ? ? ? WATSON-CRICK     ?     ? ? 
# 
loop_
_struct_conn_type.id 
_struct_conn_type.criteria 
_struct_conn_type.reference 
covale ? ? 
metalc ? ? 
hydrog ? ? 
# 
loop_
_pdbx_struct_conn_angle.id 
_pdbx_struct_conn_angle.ptnr1_label_atom_id 
_pdbx_struct_conn_angle.ptnr1_label_alt_id 
_pdbx_struct_conn_angle.ptnr1_label_asym_id 
_pdbx_struct_conn_angle.ptnr1_label_comp_id 
_pdbx_struct_conn_angle.ptnr1_label_seq_id 
_pdbx_struct_conn_angle.ptnr1_auth_atom_id 
_pdbx_struct_conn_angle.ptnr1_auth_asym_id 
_pdbx_struct_conn_angle.ptnr1_auth_comp_id 
_pdbx_struct_conn_angle.ptnr1_auth_seq_id 
_pdbx_struct_conn_angle.ptnr1_PDB_ins_code 
_pdbx_struct_conn_angle.ptnr1_symmetry 
_pdbx_struct_conn_angle.ptnr2_label_atom_id 
_pdbx_struct_conn_angle.ptnr2_label_alt_id 
_pdbx_struct_conn_angle.ptnr2_label_asym_id 
_pdbx_struct_conn_angle.ptnr2_label_comp_id 
_pdbx_struct_conn_angle.ptnr2_label_seq_id 
_pdbx_struct_conn_angle.ptnr2_auth_atom_id 
_pdbx_struct_conn_angle.ptnr2_auth_asym_id 
_pdbx_struct_conn_angle.ptnr2_auth_comp_id 
_pdbx_struct_conn_angle.ptnr2_auth_seq_id 
_pdbx_struct_conn_angle.ptnr2_PDB_ins_code 
_pdbx_struct_conn_angle.ptnr2_symmetry 
_pdbx_struct_conn_angle.ptnr3_label_atom_id 
_pdbx_struct_conn_angle.ptnr3_label_alt_id 
_pdbx_struct_conn_angle.ptnr3_label_asym_id 
_pdbx_struct_conn_angle.ptnr3_label_comp_id 
_pdbx_struct_conn_angle.ptnr3_label_seq_id 
_pdbx_struct_conn_angle.ptnr3_auth_atom_id 
_pdbx_struct_conn_angle.ptnr3_auth_asym_id 
_pdbx_struct_conn_angle.ptnr3_auth_comp_id 
_pdbx_struct_conn_angle.ptnr3_auth_seq_id 
_pdbx_struct_conn_angle.ptnr3_PDB_ins_code 
_pdbx_struct_conn_angle.ptnr3_symmetry 
_pdbx_struct_conn_angle.value 
_pdbx_struct_conn_angle.value_esd 
1  O ? D HOH . ? A HOH 148 ? 1_555 MG ? C MG . ? A MG 25 ? 1_555 O ? D HOH . ? A HOH 150 ? 1_555 90.4  ? 
2  O ? D HOH . ? A HOH 148 ? 1_555 MG ? C MG . ? A MG 25 ? 1_555 O ? D HOH . ? A HOH 153 ? 1_555 90.3  ? 
3  O ? D HOH . ? A HOH 150 ? 1_555 MG ? C MG . ? A MG 25 ? 1_555 O ? D HOH . ? A HOH 153 ? 1_555 90.1  ? 
4  O ? D HOH . ? A HOH 148 ? 1_555 MG ? C MG . ? A MG 25 ? 1_555 O ? E HOH . ? B HOH 149 ? 1_555 178.6 ? 
5  O ? D HOH . ? A HOH 150 ? 1_555 MG ? C MG . ? A MG 25 ? 1_555 O ? E HOH . ? B HOH 149 ? 1_555 90.9  ? 
6  O ? D HOH . ? A HOH 153 ? 1_555 MG ? C MG . ? A MG 25 ? 1_555 O ? E HOH . ? B HOH 149 ? 1_555 89.2  ? 
7  O ? D HOH . ? A HOH 148 ? 1_555 MG ? C MG . ? A MG 25 ? 1_555 O ? E HOH . ? B HOH 151 ? 1_555 90.3  ? 
8  O ? D HOH . ? A HOH 150 ? 1_555 MG ? C MG . ? A MG 25 ? 1_555 O ? E HOH . ? B HOH 151 ? 1_555 179.1 ? 
9  O ? D HOH . ? A HOH 153 ? 1_555 MG ? C MG . ? A MG 25 ? 1_555 O ? E HOH . ? B HOH 151 ? 1_555 89.3  ? 
10 O ? E HOH . ? B HOH 149 ? 1_555 MG ? C MG . ? A MG 25 ? 1_555 O ? E HOH . ? B HOH 151 ? 1_555 88.3  ? 
11 O ? D HOH . ? A HOH 148 ? 1_555 MG ? C MG . ? A MG 25 ? 1_555 O ? E HOH . ? B HOH 152 ? 1_555 91.0  ? 
12 O ? D HOH . ? A HOH 150 ? 1_555 MG ? C MG . ? A MG 25 ? 1_555 O ? E HOH . ? B HOH 152 ? 1_555 90.1  ? 
13 O ? D HOH . ? A HOH 153 ? 1_555 MG ? C MG . ? A MG 25 ? 1_555 O ? E HOH . ? B HOH 152 ? 1_555 178.7 ? 
14 O ? E HOH . ? B HOH 149 ? 1_555 MG ? C MG . ? A MG 25 ? 1_555 O ? E HOH . ? B HOH 152 ? 1_555 89.5  ? 
15 O ? E HOH . ? B HOH 151 ? 1_555 MG ? C MG . ? A MG 25 ? 1_555 O ? E HOH . ? B HOH 152 ? 1_555 90.5  ? 
# 
_struct_site.id                   AC1 
_struct_site.pdbx_evidence_code   Software 
_struct_site.pdbx_auth_asym_id    A 
_struct_site.pdbx_auth_comp_id    MG 
_struct_site.pdbx_auth_seq_id     25 
_struct_site.pdbx_auth_ins_code   ? 
_struct_site.pdbx_num_residues    6 
_struct_site.details              'BINDING SITE FOR RESIDUE MG A 25' 
# 
loop_
_struct_site_gen.id 
_struct_site_gen.site_id 
_struct_site_gen.pdbx_num_res 
_struct_site_gen.label_comp_id 
_struct_site_gen.label_asym_id 
_struct_site_gen.label_seq_id 
_struct_site_gen.pdbx_auth_ins_code 
_struct_site_gen.auth_comp_id 
_struct_site_gen.auth_asym_id 
_struct_site_gen.auth_seq_id 
_struct_site_gen.label_atom_id 
_struct_site_gen.label_alt_id 
_struct_site_gen.symmetry 
_struct_site_gen.details 
1 AC1 6 HOH D . ? HOH A 148 . ? 1_555 ? 
2 AC1 6 HOH D . ? HOH A 150 . ? 1_555 ? 
3 AC1 6 HOH D . ? HOH A 153 . ? 1_555 ? 
4 AC1 6 HOH E . ? HOH B 149 . ? 1_555 ? 
5 AC1 6 HOH E . ? HOH B 151 . ? 1_555 ? 
6 AC1 6 HOH E . ? HOH B 152 . ? 1_555 ? 
# 
loop_
_pdbx_validate_close_contact.id 
_pdbx_validate_close_contact.PDB_model_num 
_pdbx_validate_close_contact.auth_atom_id_1 
_pdbx_validate_close_contact.auth_asym_id_1 
_pdbx_validate_close_contact.auth_comp_id_1 
_pdbx_validate_close_contact.auth_seq_id_1 
_pdbx_validate_close_contact.PDB_ins_code_1 
_pdbx_validate_close_contact.label_alt_id_1 
_pdbx_validate_close_contact.auth_atom_id_2 
_pdbx_validate_close_contact.auth_asym_id_2 
_pdbx_validate_close_contact.auth_comp_id_2 
_pdbx_validate_close_contact.auth_seq_id_2 
_pdbx_validate_close_contact.PDB_ins_code_2 
_pdbx_validate_close_contact.label_alt_id_2 
_pdbx_validate_close_contact.dist 
1 1 O  A HOH 90 ? ? O B HOH 89  ? ? 2.04 
2 1 N7 B DA  17 ? ? O B HOH 39  ? ? 2.13 
3 1 O  B HOH 42 ? ? O B HOH 143 ? ? 2.17 
# 
_pdbx_validate_rmsd_bond.id                        1 
_pdbx_validate_rmsd_bond.PDB_model_num             1 
_pdbx_validate_rmsd_bond.auth_atom_id_1            "O4'" 
_pdbx_validate_rmsd_bond.auth_asym_id_1            B 
_pdbx_validate_rmsd_bond.auth_comp_id_1            DT 
_pdbx_validate_rmsd_bond.auth_seq_id_1             20 
_pdbx_validate_rmsd_bond.PDB_ins_code_1            ? 
_pdbx_validate_rmsd_bond.label_alt_id_1            ? 
_pdbx_validate_rmsd_bond.auth_atom_id_2            "C4'" 
_pdbx_validate_rmsd_bond.auth_asym_id_2            B 
_pdbx_validate_rmsd_bond.auth_comp_id_2            DT 
_pdbx_validate_rmsd_bond.auth_seq_id_2             20 
_pdbx_validate_rmsd_bond.PDB_ins_code_2            ? 
_pdbx_validate_rmsd_bond.label_alt_id_2            ? 
_pdbx_validate_rmsd_bond.bond_value                1.381 
_pdbx_validate_rmsd_bond.bond_target_value         1.446 
_pdbx_validate_rmsd_bond.bond_deviation            -0.065 
_pdbx_validate_rmsd_bond.bond_standard_deviation   0.010 
_pdbx_validate_rmsd_bond.linker_flag               N 
# 
loop_
_pdbx_validate_rmsd_angle.id 
_pdbx_validate_rmsd_angle.PDB_model_num 
_pdbx_validate_rmsd_angle.auth_atom_id_1 
_pdbx_validate_rmsd_angle.auth_asym_id_1 
_pdbx_validate_rmsd_angle.auth_comp_id_1 
_pdbx_validate_rmsd_angle.auth_seq_id_1 
_pdbx_validate_rmsd_angle.PDB_ins_code_1 
_pdbx_validate_rmsd_angle.label_alt_id_1 
_pdbx_validate_rmsd_angle.auth_atom_id_2 
_pdbx_validate_rmsd_angle.auth_asym_id_2 
_pdbx_validate_rmsd_angle.auth_comp_id_2 
_pdbx_validate_rmsd_angle.auth_seq_id_2 
_pdbx_validate_rmsd_angle.PDB_ins_code_2 
_pdbx_validate_rmsd_angle.label_alt_id_2 
_pdbx_validate_rmsd_angle.auth_atom_id_3 
_pdbx_validate_rmsd_angle.auth_asym_id_3 
_pdbx_validate_rmsd_angle.auth_comp_id_3 
_pdbx_validate_rmsd_angle.auth_seq_id_3 
_pdbx_validate_rmsd_angle.PDB_ins_code_3 
_pdbx_validate_rmsd_angle.label_alt_id_3 
_pdbx_validate_rmsd_angle.angle_value 
_pdbx_validate_rmsd_angle.angle_target_value 
_pdbx_validate_rmsd_angle.angle_deviation 
_pdbx_validate_rmsd_angle.angle_standard_deviation 
_pdbx_validate_rmsd_angle.linker_flag 
1  1 N3    A DC  1  ? ? C4    A DC  1  ? ? C5    A DC  1  ? ? 119.34 121.90 -2.56 0.40 N 
2  1 "O5'" A DG  2  ? ? "C5'" A DG  2  ? ? "C4'" A DG  2  ? ? 104.06 109.40 -5.34 0.80 N 
3  1 C5    A DG  2  ? ? C6    A DG  2  ? ? N1    A DG  2  ? ? 114.69 111.50 3.19  0.50 N 
4  1 "C3'" A DG  2  ? ? "O3'" A DG  2  ? ? P     A DC  3  ? ? 129.74 119.70 10.04 1.20 Y 
5  1 "O5'" A DC  3  ? ? "C5'" A DC  3  ? ? "C4'" A DC  3  ? ? 104.23 109.40 -5.17 0.80 N 
6  1 "C3'" A DC  3  ? ? "O3'" A DC  3  ? ? P     A DG  4  ? ? 128.31 119.70 8.61  1.20 Y 
7  1 "O4'" A DG  4  ? ? "C1'" A DG  4  ? ? N9    A DG  4  ? ? 112.93 108.30 4.63  0.30 N 
8  1 "C3'" A DG  4  ? ? "O3'" A DG  4  ? ? P     A DA  5  ? ? 131.05 119.70 11.35 1.20 Y 
9  1 "O4'" A DA  5  ? ? "C1'" A DA  5  ? ? N9    A DA  5  ? ? 112.05 108.30 3.75  0.30 N 
10 1 C5    A DA  6  ? ? C6    A DA  6  ? ? N1    A DA  6  ? ? 114.61 117.70 -3.09 0.50 N 
11 1 "C3'" A DA  6  ? ? "O3'" A DA  6  ? ? P     A DT  7  ? ? 127.59 119.70 7.89  1.20 Y 
12 1 "O5'" A DT  7  ? ? "C5'" A DT  7  ? ? "C4'" A DT  7  ? ? 104.33 109.40 -5.07 0.80 N 
13 1 C2    A DT  7  ? ? N3    A DT  7  ? ? C4    A DT  7  ? ? 122.90 127.20 -4.30 0.60 N 
14 1 "C3'" A DT  7  ? ? "O3'" A DT  7  ? ? P     A DT  8  ? ? 130.41 119.70 10.71 1.20 Y 
15 1 "O5'" A DT  8  ? ? "C5'" A DT  8  ? ? "C4'" A DT  8  ? ? 104.39 109.40 -5.01 0.80 N 
16 1 "O4'" A DT  8  ? ? "C1'" A DT  8  ? ? "C2'" A DT  8  ? ? 99.04  105.90 -6.86 0.80 N 
17 1 C2    A DT  8  ? ? N3    A DT  8  ? ? C4    A DT  8  ? ? 122.67 127.20 -4.53 0.60 N 
18 1 N3    A DT  8  ? ? C4    A DT  8  ? ? C5    A DT  8  ? ? 118.81 115.20 3.61  0.60 N 
19 1 "C3'" A DT  8  ? ? "O3'" A DT  8  ? ? P     A EDA 9  ? ? 128.93 119.70 9.23  1.20 Y 
20 1 "C3'" A EDA 9  ? ? "O3'" A EDA 9  ? ? P     A DG  10 ? ? 131.43 119.70 11.73 1.20 Y 
21 1 "O4'" A DG  10 ? ? "C1'" A DG  10 ? ? "C2'" A DG  10 ? ? 100.73 105.90 -5.17 0.80 N 
22 1 "O4'" A DG  10 ? ? "C1'" A DG  10 ? ? N9    A DG  10 ? ? 114.67 108.30 6.37  0.30 N 
23 1 N3    A DC  11 ? ? C4    A DC  11 ? ? C5    A DC  11 ? ? 119.33 121.90 -2.57 0.40 N 
24 1 "O5'" A DG  12 ? ? "C5'" A DG  12 ? ? "C4'" A DG  12 ? ? 104.33 109.40 -5.07 0.80 N 
25 1 "O4'" B DC  13 ? ? "C1'" B DC  13 ? ? N1    B DC  13 ? ? 111.49 108.30 3.19  0.30 N 
26 1 N3    B DC  15 ? ? C4    B DC  15 ? ? C5    B DC  15 ? ? 119.40 121.90 -2.50 0.40 N 
27 1 "C4'" B DG  16 ? ? "C3'" B DG  16 ? ? "C2'" B DG  16 ? ? 97.20  102.20 -5.00 0.70 N 
28 1 "C3'" B DG  16 ? ? "C2'" B DG  16 ? ? "C1'" B DG  16 ? ? 96.94  102.40 -5.46 0.80 N 
29 1 "O4'" B DG  16 ? ? "C1'" B DG  16 ? ? N9    B DG  16 ? ? 113.27 108.30 4.97  0.30 N 
30 1 "O4'" B DA  17 ? ? "C1'" B DA  17 ? ? N9    B DA  17 ? ? 110.22 108.30 1.92  0.30 N 
31 1 C6    B DA  17 ? ? N1    B DA  17 ? ? C2    B DA  17 ? ? 122.44 118.60 3.84  0.60 N 
32 1 C5    B DA  17 ? ? C6    B DA  17 ? ? N1    B DA  17 ? ? 114.27 117.70 -3.43 0.50 N 
33 1 "O4'" B DA  18 ? ? "C1'" B DA  18 ? ? N9    B DA  18 ? ? 111.95 108.30 3.65  0.30 N 
34 1 N1    B DA  18 ? ? C2    B DA  18 ? ? N3    B DA  18 ? ? 126.00 129.30 -3.30 0.50 N 
35 1 "O4'" B DT  19 ? ? "C1'" B DT  19 ? ? N1    B DT  19 ? ? 110.83 108.30 2.53  0.30 N 
36 1 N1    B DT  19 ? ? C2    B DT  19 ? ? N3    B DT  19 ? ? 118.37 114.60 3.77  0.60 N 
37 1 C2    B DT  19 ? ? N3    B DT  19 ? ? C4    B DT  19 ? ? 122.20 127.20 -5.00 0.60 N 
38 1 N3    B DT  19 ? ? C4    B DT  19 ? ? C5    B DT  19 ? ? 118.90 115.20 3.70  0.60 N 
39 1 "C5'" B DT  20 ? ? "C4'" B DT  20 ? ? "O4'" B DT  20 ? ? 116.91 109.80 7.11  1.10 N 
40 1 C2    B DT  20 ? ? N3    B DT  20 ? ? C4    B DT  20 ? ? 122.21 127.20 -4.99 0.60 N 
41 1 "C3'" B DT  20 ? ? "O3'" B DT  20 ? ? P     B EDA 21 ? ? 128.29 119.70 8.59  1.20 Y 
42 1 "O4'" B DG  22 ? ? "C1'" B DG  22 ? ? "C2'" B DG  22 ? ? 101.02 105.90 -4.88 0.80 N 
43 1 "O4'" B DG  22 ? ? "C1'" B DG  22 ? ? N9    B DG  22 ? ? 113.99 108.30 5.69  0.30 N 
44 1 C5    B DG  22 ? ? C6    B DG  22 ? ? N1    B DG  22 ? ? 114.70 111.50 3.20  0.50 N 
45 1 N3    B DC  23 ? ? C4    B DC  23 ? ? C5    B DC  23 ? ? 119.32 121.90 -2.58 0.40 N 
46 1 "O4'" B DG  24 ? ? "C1'" B DG  24 ? ? N9    B DG  24 ? ? 110.68 108.30 2.38  0.30 N 
47 1 C6    B DG  24 ? ? N1    B DG  24 ? ? C2    B DG  24 ? ? 121.20 125.10 -3.90 0.60 N 
48 1 C5    B DG  24 ? ? C6    B DG  24 ? ? N1    B DG  24 ? ? 115.10 111.50 3.60  0.50 N 
# 
loop_
_pdbx_struct_mod_residue.id 
_pdbx_struct_mod_residue.label_asym_id 
_pdbx_struct_mod_residue.label_comp_id 
_pdbx_struct_mod_residue.label_seq_id 
_pdbx_struct_mod_residue.auth_asym_id 
_pdbx_struct_mod_residue.auth_comp_id 
_pdbx_struct_mod_residue.auth_seq_id 
_pdbx_struct_mod_residue.PDB_ins_code 
_pdbx_struct_mod_residue.parent_comp_id 
_pdbx_struct_mod_residue.details 
1 A EDA 9 A EDA 9  ? DA ? 
2 B EDA 9 B EDA 21 ? DA ? 
# 
loop_
_refine_B_iso.class 
_refine_B_iso.details 
_refine_B_iso.treatment 
_refine_B_iso.pdbx_refine_id 
'ALL ATOMS'  TR isotropic 'X-RAY DIFFRACTION' 
'ALL WATERS' TR isotropic 'X-RAY DIFFRACTION' 
# 
loop_
_refine_occupancy.class 
_refine_occupancy.treatment 
_refine_occupancy.pdbx_refine_id 
'ALL ATOMS'  fix 'X-RAY DIFFRACTION' 
'ALL WATERS' fix 'X-RAY DIFFRACTION' 
# 
loop_
_chem_comp_atom.comp_id 
_chem_comp_atom.atom_id 
_chem_comp_atom.type_symbol 
_chem_comp_atom.pdbx_aromatic_flag 
_chem_comp_atom.pdbx_stereo_config 
_chem_comp_atom.pdbx_ordinal 
DA  OP3    O  N N 1   
DA  P      P  N N 2   
DA  OP1    O  N N 3   
DA  OP2    O  N N 4   
DA  "O5'"  O  N N 5   
DA  "C5'"  C  N N 6   
DA  "C4'"  C  N R 7   
DA  "O4'"  O  N N 8   
DA  "C3'"  C  N S 9   
DA  "O3'"  O  N N 10  
DA  "C2'"  C  N N 11  
DA  "C1'"  C  N R 12  
DA  N9     N  Y N 13  
DA  C8     C  Y N 14  
DA  N7     N  Y N 15  
DA  C5     C  Y N 16  
DA  C6     C  Y N 17  
DA  N6     N  N N 18  
DA  N1     N  Y N 19  
DA  C2     C  Y N 20  
DA  N3     N  Y N 21  
DA  C4     C  Y N 22  
DA  HOP3   H  N N 23  
DA  HOP2   H  N N 24  
DA  "H5'"  H  N N 25  
DA  "H5''" H  N N 26  
DA  "H4'"  H  N N 27  
DA  "H3'"  H  N N 28  
DA  "HO3'" H  N N 29  
DA  "H2'"  H  N N 30  
DA  "H2''" H  N N 31  
DA  "H1'"  H  N N 32  
DA  H8     H  N N 33  
DA  H61    H  N N 34  
DA  H62    H  N N 35  
DA  H2     H  N N 36  
DC  OP3    O  N N 37  
DC  P      P  N N 38  
DC  OP1    O  N N 39  
DC  OP2    O  N N 40  
DC  "O5'"  O  N N 41  
DC  "C5'"  C  N N 42  
DC  "C4'"  C  N R 43  
DC  "O4'"  O  N N 44  
DC  "C3'"  C  N S 45  
DC  "O3'"  O  N N 46  
DC  "C2'"  C  N N 47  
DC  "C1'"  C  N R 48  
DC  N1     N  N N 49  
DC  C2     C  N N 50  
DC  O2     O  N N 51  
DC  N3     N  N N 52  
DC  C4     C  N N 53  
DC  N4     N  N N 54  
DC  C5     C  N N 55  
DC  C6     C  N N 56  
DC  HOP3   H  N N 57  
DC  HOP2   H  N N 58  
DC  "H5'"  H  N N 59  
DC  "H5''" H  N N 60  
DC  "H4'"  H  N N 61  
DC  "H3'"  H  N N 62  
DC  "HO3'" H  N N 63  
DC  "H2'"  H  N N 64  
DC  "H2''" H  N N 65  
DC  "H1'"  H  N N 66  
DC  H41    H  N N 67  
DC  H42    H  N N 68  
DC  H5     H  N N 69  
DC  H6     H  N N 70  
DG  OP3    O  N N 71  
DG  P      P  N N 72  
DG  OP1    O  N N 73  
DG  OP2    O  N N 74  
DG  "O5'"  O  N N 75  
DG  "C5'"  C  N N 76  
DG  "C4'"  C  N R 77  
DG  "O4'"  O  N N 78  
DG  "C3'"  C  N S 79  
DG  "O3'"  O  N N 80  
DG  "C2'"  C  N N 81  
DG  "C1'"  C  N R 82  
DG  N9     N  Y N 83  
DG  C8     C  Y N 84  
DG  N7     N  Y N 85  
DG  C5     C  Y N 86  
DG  C6     C  N N 87  
DG  O6     O  N N 88  
DG  N1     N  N N 89  
DG  C2     C  N N 90  
DG  N2     N  N N 91  
DG  N3     N  N N 92  
DG  C4     C  Y N 93  
DG  HOP3   H  N N 94  
DG  HOP2   H  N N 95  
DG  "H5'"  H  N N 96  
DG  "H5''" H  N N 97  
DG  "H4'"  H  N N 98  
DG  "H3'"  H  N N 99  
DG  "HO3'" H  N N 100 
DG  "H2'"  H  N N 101 
DG  "H2''" H  N N 102 
DG  "H1'"  H  N N 103 
DG  H8     H  N N 104 
DG  H1     H  N N 105 
DG  H21    H  N N 106 
DG  H22    H  N N 107 
DT  OP3    O  N N 108 
DT  P      P  N N 109 
DT  OP1    O  N N 110 
DT  OP2    O  N N 111 
DT  "O5'"  O  N N 112 
DT  "C5'"  C  N N 113 
DT  "C4'"  C  N R 114 
DT  "O4'"  O  N N 115 
DT  "C3'"  C  N S 116 
DT  "O3'"  O  N N 117 
DT  "C2'"  C  N N 118 
DT  "C1'"  C  N R 119 
DT  N1     N  N N 120 
DT  C2     C  N N 121 
DT  O2     O  N N 122 
DT  N3     N  N N 123 
DT  C4     C  N N 124 
DT  O4     O  N N 125 
DT  C5     C  N N 126 
DT  C7     C  N N 127 
DT  C6     C  N N 128 
DT  HOP3   H  N N 129 
DT  HOP2   H  N N 130 
DT  "H5'"  H  N N 131 
DT  "H5''" H  N N 132 
DT  "H4'"  H  N N 133 
DT  "H3'"  H  N N 134 
DT  "HO3'" H  N N 135 
DT  "H2'"  H  N N 136 
DT  "H2''" H  N N 137 
DT  "H1'"  H  N N 138 
DT  H3     H  N N 139 
DT  H71    H  N N 140 
DT  H72    H  N N 141 
DT  H73    H  N N 142 
DT  H6     H  N N 143 
EDA P      P  N N 144 
EDA OP1    O  N N 145 
EDA OP2    O  N N 146 
EDA OP3    O  N N 147 
EDA "O5'"  O  N N 148 
EDA N9     N  Y N 149 
EDA C4     C  Y N 150 
EDA N3     N  Y N 151 
EDA C2     C  Y N 152 
EDA N1     N  Y N 153 
EDA C6     C  Y N 154 
EDA C10    C  Y N 155 
EDA C11    C  Y N 156 
EDA N6     N  Y N 157 
EDA C5     C  Y N 158 
EDA N7     N  Y N 159 
EDA C8     C  Y N 160 
EDA "C2'"  C  N N 161 
EDA "C5'"  C  N N 162 
EDA "C4'"  C  N R 163 
EDA "O4'"  O  N N 164 
EDA "C1'"  C  N R 165 
EDA "C3'"  C  N S 166 
EDA "O3'"  O  N N 167 
EDA HOP2   H  N N 168 
EDA HOP3   H  N N 169 
EDA H2     H  N N 170 
EDA H10    H  N N 171 
EDA H11    H  N N 172 
EDA H8     H  N N 173 
EDA "H2'"  H  N N 174 
EDA "H2''" H  N N 175 
EDA "H5'"  H  N N 176 
EDA "H5''" H  N N 177 
EDA "H4'"  H  N N 178 
EDA "H1'"  H  N N 179 
EDA "H3'"  H  N N 180 
EDA "HO3'" H  N N 181 
HOH O      O  N N 182 
HOH H1     H  N N 183 
HOH H2     H  N N 184 
MG  MG     MG N N 185 
# 
loop_
_chem_comp_bond.comp_id 
_chem_comp_bond.atom_id_1 
_chem_comp_bond.atom_id_2 
_chem_comp_bond.value_order 
_chem_comp_bond.pdbx_aromatic_flag 
_chem_comp_bond.pdbx_stereo_config 
_chem_comp_bond.pdbx_ordinal 
DA  OP3   P      sing N N 1   
DA  OP3   HOP3   sing N N 2   
DA  P     OP1    doub N N 3   
DA  P     OP2    sing N N 4   
DA  P     "O5'"  sing N N 5   
DA  OP2   HOP2   sing N N 6   
DA  "O5'" "C5'"  sing N N 7   
DA  "C5'" "C4'"  sing N N 8   
DA  "C5'" "H5'"  sing N N 9   
DA  "C5'" "H5''" sing N N 10  
DA  "C4'" "O4'"  sing N N 11  
DA  "C4'" "C3'"  sing N N 12  
DA  "C4'" "H4'"  sing N N 13  
DA  "O4'" "C1'"  sing N N 14  
DA  "C3'" "O3'"  sing N N 15  
DA  "C3'" "C2'"  sing N N 16  
DA  "C3'" "H3'"  sing N N 17  
DA  "O3'" "HO3'" sing N N 18  
DA  "C2'" "C1'"  sing N N 19  
DA  "C2'" "H2'"  sing N N 20  
DA  "C2'" "H2''" sing N N 21  
DA  "C1'" N9     sing N N 22  
DA  "C1'" "H1'"  sing N N 23  
DA  N9    C8     sing Y N 24  
DA  N9    C4     sing Y N 25  
DA  C8    N7     doub Y N 26  
DA  C8    H8     sing N N 27  
DA  N7    C5     sing Y N 28  
DA  C5    C6     sing Y N 29  
DA  C5    C4     doub Y N 30  
DA  C6    N6     sing N N 31  
DA  C6    N1     doub Y N 32  
DA  N6    H61    sing N N 33  
DA  N6    H62    sing N N 34  
DA  N1    C2     sing Y N 35  
DA  C2    N3     doub Y N 36  
DA  C2    H2     sing N N 37  
DA  N3    C4     sing Y N 38  
DC  OP3   P      sing N N 39  
DC  OP3   HOP3   sing N N 40  
DC  P     OP1    doub N N 41  
DC  P     OP2    sing N N 42  
DC  P     "O5'"  sing N N 43  
DC  OP2   HOP2   sing N N 44  
DC  "O5'" "C5'"  sing N N 45  
DC  "C5'" "C4'"  sing N N 46  
DC  "C5'" "H5'"  sing N N 47  
DC  "C5'" "H5''" sing N N 48  
DC  "C4'" "O4'"  sing N N 49  
DC  "C4'" "C3'"  sing N N 50  
DC  "C4'" "H4'"  sing N N 51  
DC  "O4'" "C1'"  sing N N 52  
DC  "C3'" "O3'"  sing N N 53  
DC  "C3'" "C2'"  sing N N 54  
DC  "C3'" "H3'"  sing N N 55  
DC  "O3'" "HO3'" sing N N 56  
DC  "C2'" "C1'"  sing N N 57  
DC  "C2'" "H2'"  sing N N 58  
DC  "C2'" "H2''" sing N N 59  
DC  "C1'" N1     sing N N 60  
DC  "C1'" "H1'"  sing N N 61  
DC  N1    C2     sing N N 62  
DC  N1    C6     sing N N 63  
DC  C2    O2     doub N N 64  
DC  C2    N3     sing N N 65  
DC  N3    C4     doub N N 66  
DC  C4    N4     sing N N 67  
DC  C4    C5     sing N N 68  
DC  N4    H41    sing N N 69  
DC  N4    H42    sing N N 70  
DC  C5    C6     doub N N 71  
DC  C5    H5     sing N N 72  
DC  C6    H6     sing N N 73  
DG  OP3   P      sing N N 74  
DG  OP3   HOP3   sing N N 75  
DG  P     OP1    doub N N 76  
DG  P     OP2    sing N N 77  
DG  P     "O5'"  sing N N 78  
DG  OP2   HOP2   sing N N 79  
DG  "O5'" "C5'"  sing N N 80  
DG  "C5'" "C4'"  sing N N 81  
DG  "C5'" "H5'"  sing N N 82  
DG  "C5'" "H5''" sing N N 83  
DG  "C4'" "O4'"  sing N N 84  
DG  "C4'" "C3'"  sing N N 85  
DG  "C4'" "H4'"  sing N N 86  
DG  "O4'" "C1'"  sing N N 87  
DG  "C3'" "O3'"  sing N N 88  
DG  "C3'" "C2'"  sing N N 89  
DG  "C3'" "H3'"  sing N N 90  
DG  "O3'" "HO3'" sing N N 91  
DG  "C2'" "C1'"  sing N N 92  
DG  "C2'" "H2'"  sing N N 93  
DG  "C2'" "H2''" sing N N 94  
DG  "C1'" N9     sing N N 95  
DG  "C1'" "H1'"  sing N N 96  
DG  N9    C8     sing Y N 97  
DG  N9    C4     sing Y N 98  
DG  C8    N7     doub Y N 99  
DG  C8    H8     sing N N 100 
DG  N7    C5     sing Y N 101 
DG  C5    C6     sing N N 102 
DG  C5    C4     doub Y N 103 
DG  C6    O6     doub N N 104 
DG  C6    N1     sing N N 105 
DG  N1    C2     sing N N 106 
DG  N1    H1     sing N N 107 
DG  C2    N2     sing N N 108 
DG  C2    N3     doub N N 109 
DG  N2    H21    sing N N 110 
DG  N2    H22    sing N N 111 
DG  N3    C4     sing N N 112 
DT  OP3   P      sing N N 113 
DT  OP3   HOP3   sing N N 114 
DT  P     OP1    doub N N 115 
DT  P     OP2    sing N N 116 
DT  P     "O5'"  sing N N 117 
DT  OP2   HOP2   sing N N 118 
DT  "O5'" "C5'"  sing N N 119 
DT  "C5'" "C4'"  sing N N 120 
DT  "C5'" "H5'"  sing N N 121 
DT  "C5'" "H5''" sing N N 122 
DT  "C4'" "O4'"  sing N N 123 
DT  "C4'" "C3'"  sing N N 124 
DT  "C4'" "H4'"  sing N N 125 
DT  "O4'" "C1'"  sing N N 126 
DT  "C3'" "O3'"  sing N N 127 
DT  "C3'" "C2'"  sing N N 128 
DT  "C3'" "H3'"  sing N N 129 
DT  "O3'" "HO3'" sing N N 130 
DT  "C2'" "C1'"  sing N N 131 
DT  "C2'" "H2'"  sing N N 132 
DT  "C2'" "H2''" sing N N 133 
DT  "C1'" N1     sing N N 134 
DT  "C1'" "H1'"  sing N N 135 
DT  N1    C2     sing N N 136 
DT  N1    C6     sing N N 137 
DT  C2    O2     doub N N 138 
DT  C2    N3     sing N N 139 
DT  N3    C4     sing N N 140 
DT  N3    H3     sing N N 141 
DT  C4    O4     doub N N 142 
DT  C4    C5     sing N N 143 
DT  C5    C7     sing N N 144 
DT  C5    C6     doub N N 145 
DT  C7    H71    sing N N 146 
DT  C7    H72    sing N N 147 
DT  C7    H73    sing N N 148 
DT  C6    H6     sing N N 149 
EDA P     OP1    doub N N 150 
EDA P     OP2    sing N N 151 
EDA P     OP3    sing N N 152 
EDA P     "O5'"  sing N N 153 
EDA OP2   HOP2   sing N N 154 
EDA OP3   HOP3   sing N N 155 
EDA "O5'" "C5'"  sing N N 156 
EDA N9    C4     sing Y N 157 
EDA N9    C8     sing Y N 158 
EDA N9    "C1'"  sing N N 159 
EDA C4    N3     sing Y N 160 
EDA C4    C5     doub Y N 161 
EDA N3    C2     doub Y N 162 
EDA C2    N1     sing Y N 163 
EDA C2    H2     sing N N 164 
EDA N1    C6     sing Y N 165 
EDA N1    C10    sing Y N 166 
EDA C6    N6     doub Y N 167 
EDA C6    C5     sing Y N 168 
EDA C10   C11    doub Y N 169 
EDA C10   H10    sing N N 170 
EDA C11   N6     sing Y N 171 
EDA C11   H11    sing N N 172 
EDA C5    N7     sing Y N 173 
EDA N7    C8     doub Y N 174 
EDA C8    H8     sing N N 175 
EDA "C2'" "C1'"  sing N N 176 
EDA "C2'" "C3'"  sing N N 177 
EDA "C2'" "H2'"  sing N N 178 
EDA "C2'" "H2''" sing N N 179 
EDA "C5'" "C4'"  sing N N 180 
EDA "C5'" "H5'"  sing N N 181 
EDA "C5'" "H5''" sing N N 182 
EDA "C4'" "O4'"  sing N N 183 
EDA "C4'" "C3'"  sing N N 184 
EDA "C4'" "H4'"  sing N N 185 
EDA "O4'" "C1'"  sing N N 186 
EDA "C1'" "H1'"  sing N N 187 
EDA "C3'" "O3'"  sing N N 188 
EDA "C3'" "H3'"  sing N N 189 
EDA "O3'" "HO3'" sing N N 190 
HOH O     H1     sing N N 191 
HOH O     H2     sing N N 192 
# 
loop_
_ndb_struct_conf_na.entry_id 
_ndb_struct_conf_na.feature 
150D 'double helix'         
150D 'b-form double helix'  
150D 'mismatched base pair' 
# 
loop_
_ndb_struct_na_base_pair.model_number 
_ndb_struct_na_base_pair.i_label_asym_id 
_ndb_struct_na_base_pair.i_label_comp_id 
_ndb_struct_na_base_pair.i_label_seq_id 
_ndb_struct_na_base_pair.i_symmetry 
_ndb_struct_na_base_pair.j_label_asym_id 
_ndb_struct_na_base_pair.j_label_comp_id 
_ndb_struct_na_base_pair.j_label_seq_id 
_ndb_struct_na_base_pair.j_symmetry 
_ndb_struct_na_base_pair.shear 
_ndb_struct_na_base_pair.stretch 
_ndb_struct_na_base_pair.stagger 
_ndb_struct_na_base_pair.buckle 
_ndb_struct_na_base_pair.propeller 
_ndb_struct_na_base_pair.opening 
_ndb_struct_na_base_pair.pair_number 
_ndb_struct_na_base_pair.pair_name 
_ndb_struct_na_base_pair.i_auth_asym_id 
_ndb_struct_na_base_pair.i_auth_seq_id 
_ndb_struct_na_base_pair.i_PDB_ins_code 
_ndb_struct_na_base_pair.j_auth_asym_id 
_ndb_struct_na_base_pair.j_auth_seq_id 
_ndb_struct_na_base_pair.j_PDB_ins_code 
_ndb_struct_na_base_pair.hbond_type_28 
_ndb_struct_na_base_pair.hbond_type_12 
1 A DC  1  1_555 B DG  12 1_555 0.086  -0.177 0.297  -6.630 -12.840 2.663   1  A_DC1:DG24_B  A 1  ? B 24 ? 19 1 
1 A DG  2  1_555 B DC  11 1_555 -0.171 -0.375 -0.190 -2.689 -19.232 -2.632  2  A_DG2:DC23_B  A 2  ? B 23 ? 19 1 
1 A DC  3  1_555 B DG  10 1_555 0.017  -0.135 0.186  -2.801 -10.907 2.741   3  A_DC3:DG22_B  A 3  ? B 22 ? 19 1 
1 A DG  4  1_555 B EDA 9  1_555 1.384  3.671  -0.099 0.011  -17.154 -85.218 4  A_DG4:EDA21_B A 4  ? B 21 ? 9  3 
1 A DA  5  1_555 B DT  8  1_555 -0.070 -0.232 -0.037 10.093 -18.176 -5.986  5  A_DA5:DT20_B  A 5  ? B 20 ? 20 1 
1 A DA  6  1_555 B DT  7  1_555 0.272  -0.333 0.239  3.793  -19.863 -2.190  6  A_DA6:DT19_B  A 6  ? B 19 ? 20 1 
1 A DT  7  1_555 B DA  6  1_555 -0.237 -0.316 0.012  -1.312 -21.535 1.308   7  A_DT7:DA18_B  A 7  ? B 18 ? 20 1 
1 A DT  8  1_555 B DA  5  1_555 -0.102 -0.242 0.058  -6.564 -17.348 -3.241  8  A_DT8:DA17_B  A 8  ? B 17 ? 20 1 
1 A EDA 9  1_555 B DG  4  1_555 -1.376 -3.488 0.268  -6.163 15.988  87.717  9  A_EDA9:DG16_B A 9  ? B 16 ? ?  ? 
1 A DG  10 1_555 B DC  3  1_555 -0.250 -0.336 0.309  4.695  -6.412  0.691   10 A_DG10:DC15_B A 10 ? B 15 ? 19 1 
1 A DC  11 1_555 B DG  2  1_555 -0.131 -0.467 0.381  4.180  -15.688 -9.558  11 A_DC11:DG14_B A 11 ? B 14 ? 19 1 
1 A DG  12 1_555 B DC  1  1_555 0.096  -0.354 -0.417 4.765  10.171  -0.774  12 A_DG12:DC13_B A 12 ? B 13 ? 19 1 
# 
loop_
_ndb_struct_na_base_pair_step.model_number 
_ndb_struct_na_base_pair_step.i_label_asym_id_1 
_ndb_struct_na_base_pair_step.i_label_comp_id_1 
_ndb_struct_na_base_pair_step.i_label_seq_id_1 
_ndb_struct_na_base_pair_step.i_symmetry_1 
_ndb_struct_na_base_pair_step.j_label_asym_id_1 
_ndb_struct_na_base_pair_step.j_label_comp_id_1 
_ndb_struct_na_base_pair_step.j_label_seq_id_1 
_ndb_struct_na_base_pair_step.j_symmetry_1 
_ndb_struct_na_base_pair_step.i_label_asym_id_2 
_ndb_struct_na_base_pair_step.i_label_comp_id_2 
_ndb_struct_na_base_pair_step.i_label_seq_id_2 
_ndb_struct_na_base_pair_step.i_symmetry_2 
_ndb_struct_na_base_pair_step.j_label_asym_id_2 
_ndb_struct_na_base_pair_step.j_label_comp_id_2 
_ndb_struct_na_base_pair_step.j_label_seq_id_2 
_ndb_struct_na_base_pair_step.j_symmetry_2 
_ndb_struct_na_base_pair_step.shift 
_ndb_struct_na_base_pair_step.slide 
_ndb_struct_na_base_pair_step.rise 
_ndb_struct_na_base_pair_step.tilt 
_ndb_struct_na_base_pair_step.roll 
_ndb_struct_na_base_pair_step.twist 
_ndb_struct_na_base_pair_step.x_displacement 
_ndb_struct_na_base_pair_step.y_displacement 
_ndb_struct_na_base_pair_step.helical_rise 
_ndb_struct_na_base_pair_step.inclination 
_ndb_struct_na_base_pair_step.tip 
_ndb_struct_na_base_pair_step.helical_twist 
_ndb_struct_na_base_pair_step.step_number 
_ndb_struct_na_base_pair_step.step_name 
_ndb_struct_na_base_pair_step.i_auth_asym_id_1 
_ndb_struct_na_base_pair_step.i_auth_seq_id_1 
_ndb_struct_na_base_pair_step.i_PDB_ins_code_1 
_ndb_struct_na_base_pair_step.j_auth_asym_id_1 
_ndb_struct_na_base_pair_step.j_auth_seq_id_1 
_ndb_struct_na_base_pair_step.j_PDB_ins_code_1 
_ndb_struct_na_base_pair_step.i_auth_asym_id_2 
_ndb_struct_na_base_pair_step.i_auth_seq_id_2 
_ndb_struct_na_base_pair_step.i_PDB_ins_code_2 
_ndb_struct_na_base_pair_step.j_auth_asym_id_2 
_ndb_struct_na_base_pair_step.j_auth_seq_id_2 
_ndb_struct_na_base_pair_step.j_PDB_ins_code_2 
1 A DC  1  1_555 B DG  12 1_555 A DG  2  1_555 B DC  11 1_555 -0.722 0.607  3.340 3.908    7.289    31.914  -0.207  1.960  3.286  
12.985  -6.963  32.941   1  AA_DC1DG2:DC23DG24_BB   A 1  ? B 24 ? A 2  ? B 23 ? 
1 A DG  2  1_555 B DC  11 1_555 A DC  3  1_555 B DG  10 1_555 1.166  0.766  3.275 1.076    -5.123   41.083  1.627   -1.534 3.189  
-7.264  -1.526  41.401   2  AA_DG2DC3:DG22DC23_BB   A 2  ? B 23 ? A 3  ? B 22 ? 
1 A DC  3  1_555 B DG  10 1_555 A DG  4  1_555 B EDA 9  1_555 1.397  -0.413 3.142 3.633    1.283    78.281  -0.361  -1.008 3.188  
1.016   -2.876  78.361   3  AA_DC3DG4:EDA21DG22_BB  A 3  ? B 22 ? A 4  ? B 21 ? 
1 A DG  4  1_555 B EDA 9  1_555 A DA  5  1_555 B DT  8  1_555 -0.626 1.998  3.236 -2.161   0.838    -9.866  -12.750 -7.261 2.853  
-4.788  -12.344 -10.134  4  AA_DG4DA5:DT20EDA21_BB  A 4  ? B 21 ? A 5  ? B 20 ? 
1 A DA  5  1_555 B DT  8  1_555 A DA  6  1_555 B DT  7  1_555 0.141  -0.531 3.310 -1.712   1.955    41.514  -0.956  -0.381 3.275  
2.754   2.413   41.592   5  AA_DA5DA6:DT19DT20_BB   A 5  ? B 20 ? A 6  ? B 19 ? 
1 A DA  6  1_555 B DT  7  1_555 A DT  7  1_555 B DA  6  1_555 0.216  -0.726 3.374 2.014    0.740    28.383  -1.652  0.036  3.361  
1.507   -4.100  28.463   6  AA_DA6DT7:DA18DT19_BB   A 6  ? B 19 ? A 7  ? B 18 ? 
1 A DT  7  1_555 B DA  6  1_555 A DT  8  1_555 B DA  5  1_555 -0.181 -0.072 3.342 -0.270   1.334    38.905  -0.273  0.238  3.339  
2.002   0.405   38.928   7  AA_DT7DT8:DA17DA18_BB   A 7  ? B 18 ? A 8  ? B 17 ? 
1 A DT  8  1_555 B DA  5  1_555 A EDA 9  1_555 B DG  4  1_555 1.008  -3.374 1.560 -175.530 12.271   40.904  -1.711  -0.831 -0.617 
6.227   89.076  176.214  8  AA_DT8EDA9:DG16DA17_BB  A 8  ? B 17 ? A 9  ? B 16 ? 
1 A EDA 9  1_555 B DG  4  1_555 A DG  10 1_555 B DC  3  1_555 -3.077 -1.667 0.247 137.963  -106.498 -45.656 1.169   -1.106 1.401  
54.317  70.365  -174.734 9  AA_EDA9DG10:DC15DG16_BB A 9  ? B 16 ? A 10 ? B 15 ? 
1 A DG  10 1_555 B DC  3  1_555 A DC  11 1_555 B DG  2  1_555 -1.072 0.553  3.508 -2.965   -8.697   38.390  1.917   1.215  3.379  
-13.000 4.432   39.434   10 AA_DG10DC11:DG14DC15_BB A 10 ? B 15 ? A 11 ? B 14 ? 
1 A DC  11 1_555 B DG  2  1_555 A DG  12 1_555 B DC  1  1_555 0.968  0.596  3.657 5.028    -6.652   39.055  1.735   -0.768 3.604  
-9.815  -7.418  39.901   11 AA_DC11DG12:DC13DG14_BB A 11 ? B 14 ? A 12 ? B 13 ? 
# 
_atom_sites.entry_id                    150D 
_atom_sites.fract_transf_matrix[1][1]   0.02334769 
_atom_sites.fract_transf_matrix[1][2]   0.00012529 
_atom_sites.fract_transf_matrix[1][3]   -0.03386555 
_atom_sites.fract_transf_matrix[2][1]   -0.00784272 
_atom_sites.fract_transf_matrix[2][2]   -0.02333377 
_atom_sites.fract_transf_matrix[2][3]   -0.00549328 
_atom_sites.fract_transf_matrix[3][1]   -0.01209049 
_atom_sites.fract_transf_matrix[3][2]   0.00602085 
_atom_sites.fract_transf_matrix[3][3]   -0.00831319 
_atom_sites.fract_transf_vector[1]      1.088651 
_atom_sites.fract_transf_vector[2]      1.045155 
_atom_sites.fract_transf_vector[3]      0.118207 
# 
loop_
_atom_type.symbol 
C  
MG 
N  
O  
P  
# 
loop_
_atom_site.group_PDB 
_atom_site.id 
_atom_site.type_symbol 
_atom_site.label_atom_id 
_atom_site.label_alt_id 
_atom_site.label_comp_id 
_atom_site.label_asym_id 
_atom_site.label_entity_id 
_atom_site.label_seq_id 
_atom_site.pdbx_PDB_ins_code 
_atom_site.Cartn_x 
_atom_site.Cartn_y 
_atom_site.Cartn_z 
_atom_site.occupancy 
_atom_site.B_iso_or_equiv 
_atom_site.pdbx_formal_charge 
_atom_site.auth_seq_id 
_atom_site.auth_comp_id 
_atom_site.auth_asym_id 
_atom_site.auth_atom_id 
_atom_site.pdbx_PDB_model_num 
ATOM   1   O  "O5'" . DC  A 1 1  ? -14.713 -5.901  -15.171 1.00 26.38 ? 1   DC  A "O5'" 1 
ATOM   2   C  "C5'" . DC  A 1 1  ? -13.325 -6.330  -15.204 1.00 21.57 ? 1   DC  A "C5'" 1 
ATOM   3   C  "C4'" . DC  A 1 1  ? -12.491 -5.090  -15.325 1.00 16.92 ? 1   DC  A "C4'" 1 
ATOM   4   O  "O4'" . DC  A 1 1  ? -13.067 -3.963  -14.741 1.00 15.78 ? 1   DC  A "O4'" 1 
ATOM   5   C  "C3'" . DC  A 1 1  ? -11.034 -5.140  -14.955 1.00 15.87 ? 1   DC  A "C3'" 1 
ATOM   6   O  "O3'" . DC  A 1 1  ? -10.175 -4.953  -16.081 1.00 23.19 ? 1   DC  A "O3'" 1 
ATOM   7   C  "C2'" . DC  A 1 1  ? -10.888 -4.056  -13.889 1.00 10.23 ? 1   DC  A "C2'" 1 
ATOM   8   C  "C1'" . DC  A 1 1  ? -12.008 -3.122  -14.194 1.00 11.47 ? 1   DC  A "C1'" 1 
ATOM   9   N  N1    . DC  A 1 1  ? -12.582 -2.441  -13.012 1.00 8.01  ? 1   DC  A N1    1 
ATOM   10  C  C2    . DC  A 1 1  ? -12.468 -1.065  -12.974 1.00 9.38  ? 1   DC  A C2    1 
ATOM   11  O  O2    . DC  A 1 1  ? -11.825 -0.469  -13.838 1.00 14.35 ? 1   DC  A O2    1 
ATOM   12  N  N3    . DC  A 1 1  ? -13.059 -0.411  -11.940 1.00 12.20 ? 1   DC  A N3    1 
ATOM   13  C  C4    . DC  A 1 1  ? -13.777 -1.051  -10.987 1.00 10.13 ? 1   DC  A C4    1 
ATOM   14  N  N4    . DC  A 1 1  ? -14.342 -0.342  -10.002 1.00 15.65 ? 1   DC  A N4    1 
ATOM   15  C  C5    . DC  A 1 1  ? -13.909 -2.462  -11.046 1.00 7.78  ? 1   DC  A C5    1 
ATOM   16  C  C6    . DC  A 1 1  ? -13.323 -3.099  -12.073 1.00 9.31  ? 1   DC  A C6    1 
ATOM   17  P  P     . DG  A 1 2  ? -8.684  -5.555  -16.110 1.00 22.01 ? 2   DG  A P     1 
ATOM   18  O  OP1   . DG  A 1 2  ? -8.345  -5.964  -17.514 1.00 26.25 ? 2   DG  A OP1   1 
ATOM   19  O  OP2   . DG  A 1 2  ? -8.671  -6.666  -15.142 1.00 25.88 ? 2   DG  A OP2   1 
ATOM   20  O  "O5'" . DG  A 1 2  ? -7.785  -4.315  -15.653 1.00 20.21 ? 2   DG  A "O5'" 1 
ATOM   21  C  "C5'" . DG  A 1 2  ? -7.938  -3.111  -16.448 1.00 16.21 ? 2   DG  A "C5'" 1 
ATOM   22  C  "C4'" . DG  A 1 2  ? -7.032  -2.119  -15.785 1.00 11.42 ? 2   DG  A "C4'" 1 
ATOM   23  O  "O4'" . DG  A 1 2  ? -7.712  -1.366  -14.828 1.00 17.59 ? 2   DG  A "O4'" 1 
ATOM   24  C  "C3'" . DG  A 1 2  ? -5.786  -2.688  -15.110 1.00 12.34 ? 2   DG  A "C3'" 1 
ATOM   25  O  "O3'" . DG  A 1 2  ? -4.731  -1.742  -15.250 1.00 20.67 ? 2   DG  A "O3'" 1 
ATOM   26  C  "C2'" . DG  A 1 2  ? -6.246  -2.726  -13.639 1.00 14.98 ? 2   DG  A "C2'" 1 
ATOM   27  C  "C1'" . DG  A 1 2  ? -6.985  -1.403  -13.579 1.00 6.78  ? 2   DG  A "C1'" 1 
ATOM   28  N  N9    . DG  A 1 2  ? -7.948  -1.432  -12.463 1.00 7.00  ? 2   DG  A N9    1 
ATOM   29  C  C8    . DG  A 1 2  ? -8.434  -2.521  -11.787 1.00 3.83  ? 2   DG  A C8    1 
ATOM   30  N  N7    . DG  A 1 2  ? -9.271  -2.199  -10.830 1.00 8.24  ? 2   DG  A N7    1 
ATOM   31  C  C5    . DG  A 1 2  ? -9.330  -0.805  -10.877 1.00 0.00  ? 2   DG  A C5    1 
ATOM   32  C  C6    . DG  A 1 2  ? -10.043 0.138   -10.095 1.00 1.24  ? 2   DG  A C6    1 
ATOM   33  O  O6    . DG  A 1 2  ? -10.825 -0.083  -9.168  1.00 10.72 ? 2   DG  A O6    1 
ATOM   34  N  N1    . DG  A 1 2  ? -9.812  1.445   -10.424 1.00 2.15  ? 2   DG  A N1    1 
ATOM   35  C  C2    . DG  A 1 2  ? -8.984  1.797   -11.444 1.00 6.28  ? 2   DG  A C2    1 
ATOM   36  N  N2    . DG  A 1 2  ? -8.888  3.115   -11.664 1.00 10.99 ? 2   DG  A N2    1 
ATOM   37  N  N3    . DG  A 1 2  ? -8.293  0.965   -12.211 1.00 11.95 ? 2   DG  A N3    1 
ATOM   38  C  C4    . DG  A 1 2  ? -8.519  -0.327  -11.879 1.00 5.26  ? 2   DG  A C4    1 
ATOM   39  P  P     . DC  A 1 3  ? -3.173  -1.969  -15.287 1.00 12.92 ? 3   DC  A P     1 
ATOM   40  O  OP1   . DC  A 1 3  ? -2.663  -1.942  -16.693 1.00 12.94 ? 3   DC  A OP1   1 
ATOM   41  O  OP2   . DC  A 1 3  ? -2.909  -3.244  -14.585 1.00 20.19 ? 3   DC  A OP2   1 
ATOM   42  O  "O5'" . DC  A 1 3  ? -2.643  -0.708  -14.445 1.00 12.63 ? 3   DC  A "O5'" 1 
ATOM   43  C  "C5'" . DC  A 1 3  ? -3.109  0.602   -14.829 1.00 6.36  ? 3   DC  A "C5'" 1 
ATOM   44  C  "C4'" . DC  A 1 3  ? -3.238  1.346   -13.525 1.00 4.15  ? 3   DC  A "C4'" 1 
ATOM   45  O  "O4'" . DC  A 1 3  ? -4.379  1.003   -12.810 1.00 9.76  ? 3   DC  A "O4'" 1 
ATOM   46  C  "C3'" . DC  A 1 3  ? -2.064  1.316   -12.583 1.00 9.82  ? 3   DC  A "C3'" 1 
ATOM   47  O  "O3'" . DC  A 1 3  ? -1.167  2.380   -12.852 1.00 19.41 ? 3   DC  A "O3'" 1 
ATOM   48  C  "C2'" . DC  A 1 3  ? -2.688  1.296   -11.209 1.00 14.45 ? 3   DC  A "C2'" 1 
ATOM   49  C  "C1'" . DC  A 1 3  ? -4.194  1.357   -11.429 1.00 9.33  ? 3   DC  A "C1'" 1 
ATOM   50  N  N1    . DC  A 1 3  ? -4.867  0.358   -10.572 1.00 5.56  ? 3   DC  A N1    1 
ATOM   51  C  C2    . DC  A 1 3  ? -5.816  0.821   -9.673  1.00 4.70  ? 3   DC  A C2    1 
ATOM   52  O  O2    . DC  A 1 3  ? -6.078  2.014   -9.620  1.00 7.27  ? 3   DC  A O2    1 
ATOM   53  N  N3    . DC  A 1 3  ? -6.416  -0.091  -8.860  1.00 9.03  ? 3   DC  A N3    1 
ATOM   54  C  C4    . DC  A 1 3  ? -6.125  -1.421  -8.924  1.00 9.42  ? 3   DC  A C4    1 
ATOM   55  N  N4    . DC  A 1 3  ? -6.768  -2.287  -8.147  1.00 15.20 ? 3   DC  A N4    1 
ATOM   56  C  C5    . DC  A 1 3  ? -5.140  -1.891  -9.844  1.00 10.51 ? 3   DC  A C5    1 
ATOM   57  C  C6    . DC  A 1 3  ? -4.537  -0.965  -10.614 1.00 12.58 ? 3   DC  A C6    1 
ATOM   58  P  P     . DG  A 1 4  ? 0.273   2.643   -12.219 1.00 10.17 ? 4   DG  A P     1 
ATOM   59  O  OP1   . DG  A 1 4  ? 1.137   3.322   -13.224 1.00 27.73 ? 4   DG  A OP1   1 
ATOM   60  O  OP2   . DG  A 1 4  ? 0.726   1.317   -11.782 1.00 20.64 ? 4   DG  A OP2   1 
ATOM   61  O  "O5'" . DG  A 1 4  ? -0.032  3.648   -11.011 1.00 23.94 ? 4   DG  A "O5'" 1 
ATOM   62  C  "C5'" . DG  A 1 4  ? -0.318  5.023   -11.380 1.00 13.12 ? 4   DG  A "C5'" 1 
ATOM   63  C  "C4'" . DG  A 1 4  ? -0.922  5.684   -10.179 1.00 9.53  ? 4   DG  A "C4'" 1 
ATOM   64  O  "O4'" . DG  A 1 4  ? -1.951  4.894   -9.663  1.00 15.41 ? 4   DG  A "O4'" 1 
ATOM   65  C  "C3'" . DG  A 1 4  ? -0.005  6.019   -9.009  1.00 15.87 ? 4   DG  A "C3'" 1 
ATOM   66  O  "O3'" . DG  A 1 4  ? -0.388  7.220   -8.376  1.00 26.12 ? 4   DG  A "O3'" 1 
ATOM   67  C  "C2'" . DG  A 1 4  ? -0.162  4.785   -8.135  1.00 12.63 ? 4   DG  A "C2'" 1 
ATOM   68  C  "C1'" . DG  A 1 4  ? -1.631  4.463   -8.346  1.00 8.58  ? 4   DG  A "C1'" 1 
ATOM   69  N  N9    . DG  A 1 4  ? -1.808  3.008   -8.157  1.00 7.78  ? 4   DG  A N9    1 
ATOM   70  C  C8    . DG  A 1 4  ? -1.018  1.972   -8.579  1.00 6.75  ? 4   DG  A C8    1 
ATOM   71  N  N7    . DG  A 1 4  ? -1.451  0.795   -8.223  1.00 12.36 ? 4   DG  A N7    1 
ATOM   72  C  C5    . DG  A 1 4  ? -2.605  1.074   -7.485  1.00 9.18  ? 4   DG  A C5    1 
ATOM   73  C  C6    . DG  A 1 4  ? -3.529  0.226   -6.827  1.00 8.63  ? 4   DG  A C6    1 
ATOM   74  O  O6    . DG  A 1 4  ? -3.508  -1.008  -6.766  1.00 14.37 ? 4   DG  A O6    1 
ATOM   75  N  N1    . DG  A 1 4  ? -4.573  0.892   -6.236  1.00 7.27  ? 4   DG  A N1    1 
ATOM   76  C  C2    . DG  A 1 4  ? -4.689  2.247   -6.239  1.00 9.90  ? 4   DG  A C2    1 
ATOM   77  N  N2    . DG  A 1 4  ? -5.750  2.755   -5.602  1.00 5.74  ? 4   DG  A N2    1 
ATOM   78  N  N3    . DG  A 1 4  ? -3.847  3.082   -6.834  1.00 15.66 ? 4   DG  A N3    1 
ATOM   79  C  C4    . DG  A 1 4  ? -2.821  2.427   -7.431  1.00 5.55  ? 4   DG  A C4    1 
ATOM   80  P  P     . DA  A 1 5  ? 0.270   8.018   -7.190  1.00 13.88 ? 5   DA  A P     1 
ATOM   81  O  OP1   . DA  A 1 5  ? 0.527   9.450   -7.575  1.00 26.09 ? 5   DA  A OP1   1 
ATOM   82  O  OP2   . DA  A 1 5  ? 1.499   7.297   -6.830  1.00 19.92 ? 5   DA  A OP2   1 
ATOM   83  O  "O5'" . DA  A 1 5  ? -0.848  8.000   -6.047  1.00 24.19 ? 5   DA  A "O5'" 1 
ATOM   84  C  "C5'" . DA  A 1 5  ? -2.151  8.580   -6.318  1.00 14.19 ? 5   DA  A "C5'" 1 
ATOM   85  C  "C4'" . DA  A 1 5  ? -2.990  8.278   -5.099  1.00 12.36 ? 5   DA  A "C4'" 1 
ATOM   86  O  "O4'" . DA  A 1 5  ? -3.237  6.893   -4.961  1.00 17.99 ? 5   DA  A "O4'" 1 
ATOM   87  C  "C3'" . DA  A 1 5  ? -2.345  8.703   -3.782  1.00 10.55 ? 5   DA  A "C3'" 1 
ATOM   88  O  "O3'" . DA  A 1 5  ? -3.362  9.052   -2.843  1.00 13.95 ? 5   DA  A "O3'" 1 
ATOM   89  C  "C2'" . DA  A 1 5  ? -1.585  7.422   -3.395  1.00 7.24  ? 5   DA  A "C2'" 1 
ATOM   90  C  "C1'" . DA  A 1 5  ? -2.618  6.383   -3.752  1.00 2.65  ? 5   DA  A "C1'" 1 
ATOM   91  N  N9    . DA  A 1 5  ? -2.140  5.010   -3.916  1.00 1.94  ? 5   DA  A N9    1 
ATOM   92  C  C8    . DA  A 1 5  ? -1.047  4.537   -4.597  1.00 2.83  ? 5   DA  A C8    1 
ATOM   93  N  N7    . DA  A 1 5  ? -0.934  3.239   -4.595  1.00 7.39  ? 5   DA  A N7    1 
ATOM   94  C  C5    . DA  A 1 5  ? -2.029  2.798   -3.875  1.00 1.15  ? 5   DA  A C5    1 
ATOM   95  C  C6    . DA  A 1 5  ? -2.481  1.493   -3.548  1.00 3.53  ? 5   DA  A C6    1 
ATOM   96  N  N6    . DA  A 1 5  ? -1.878  0.372   -3.889  1.00 3.16  ? 5   DA  A N6    1 
ATOM   97  N  N1    . DA  A 1 5  ? -3.633  1.455   -2.815  1.00 6.83  ? 5   DA  A N1    1 
ATOM   98  C  C2    . DA  A 1 5  ? -4.302  2.594   -2.473  1.00 1.74  ? 5   DA  A C2    1 
ATOM   99  N  N3    . DA  A 1 5  ? -3.930  3.840   -2.749  1.00 13.22 ? 5   DA  A N3    1 
ATOM   100 C  C4    . DA  A 1 5  ? -2.783  3.870   -3.458  1.00 5.34  ? 5   DA  A C4    1 
ATOM   101 P  P     . DA  A 1 6  ? -3.057  9.724   -1.440  1.00 14.55 ? 6   DA  A P     1 
ATOM   102 O  OP1   . DA  A 1 6  ? -3.905  10.947  -1.271  1.00 20.06 ? 6   DA  A OP1   1 
ATOM   103 O  OP2   . DA  A 1 6  ? -1.601  10.032  -1.496  1.00 12.43 ? 6   DA  A OP2   1 
ATOM   104 O  "O5'" . DA  A 1 6  ? -3.421  8.616   -0.366  1.00 10.14 ? 6   DA  A "O5'" 1 
ATOM   105 C  "C5'" . DA  A 1 6  ? -4.694  7.952   -0.476  1.00 10.94 ? 6   DA  A "C5'" 1 
ATOM   106 C  "C4'" . DA  A 1 6  ? -4.759  6.934   0.624   1.00 11.52 ? 6   DA  A "C4'" 1 
ATOM   107 O  "O4'" . DA  A 1 6  ? -4.342  5.664   0.255   1.00 16.86 ? 6   DA  A "O4'" 1 
ATOM   108 C  "C3'" . DA  A 1 6  ? -4.102  7.272   1.947   1.00 13.86 ? 6   DA  A "C3'" 1 
ATOM   109 O  "O3'" . DA  A 1 6  ? -4.999  7.058   3.025   1.00 11.26 ? 6   DA  A "O3'" 1 
ATOM   110 C  "C2'" . DA  A 1 6  ? -2.893  6.334   1.964   1.00 9.03  ? 6   DA  A "C2'" 1 
ATOM   111 C  "C1'" . DA  A 1 6  ? -3.393  5.131   1.219   1.00 6.12  ? 6   DA  A "C1'" 1 
ATOM   112 N  N9    . DA  A 1 6  ? -2.308  4.445   0.491   1.00 7.45  ? 6   DA  A N9    1 
ATOM   113 C  C8    . DA  A 1 6  ? -1.277  4.989   -0.218  1.00 0.00  ? 6   DA  A C8    1 
ATOM   114 N  N7    . DA  A 1 6  ? -0.496  4.104   -0.779  1.00 6.80  ? 6   DA  A N7    1 
ATOM   115 C  C5    . DA  A 1 6  ? -1.039  2.881   -0.396  1.00 2.67  ? 6   DA  A C5    1 
ATOM   116 C  C6    . DA  A 1 6  ? -0.663  1.556   -0.711  1.00 4.95  ? 6   DA  A C6    1 
ATOM   117 N  N6    . DA  A 1 6  ? 0.380   1.236   -1.461  1.00 8.19  ? 6   DA  A N6    1 
ATOM   118 N  N1    . DA  A 1 6  ? -1.444  0.597   -0.149  1.00 4.05  ? 6   DA  A N1    1 
ATOM   119 C  C2    . DA  A 1 6  ? -2.524  0.910   0.614   1.00 12.31 ? 6   DA  A C2    1 
ATOM   120 N  N3    . DA  A 1 6  ? -2.949  2.134   0.917   1.00 10.22 ? 6   DA  A N3    1 
ATOM   121 C  C4    . DA  A 1 6  ? -2.161  3.074   0.367   1.00 2.97  ? 6   DA  A C4    1 
ATOM   122 P  P     . DT  A 1 7  ? -4.690  7.163   4.576   1.00 8.38  ? 7   DT  A P     1 
ATOM   123 O  OP1   . DT  A 1 7  ? -5.921  7.646   5.285   1.00 19.83 ? 7   DT  A OP1   1 
ATOM   124 O  OP2   . DT  A 1 7  ? -3.570  8.130   4.696   1.00 9.54  ? 7   DT  A OP2   1 
ATOM   125 O  "O5'" . DT  A 1 7  ? -4.305  5.706   5.029   1.00 15.82 ? 7   DT  A "O5'" 1 
ATOM   126 C  "C5'" . DT  A 1 7  ? -5.171  4.605   4.661   1.00 15.64 ? 7   DT  A "C5'" 1 
ATOM   127 C  "C4'" . DT  A 1 7  ? -4.373  3.368   5.010   1.00 19.75 ? 7   DT  A "C4'" 1 
ATOM   128 O  "O4'" . DT  A 1 7  ? -3.393  3.061   4.073   1.00 14.94 ? 7   DT  A "O4'" 1 
ATOM   129 C  "C3'" . DT  A 1 7  ? -3.692  3.430   6.376   1.00 18.62 ? 7   DT  A "C3'" 1 
ATOM   130 O  "O3'" . DT  A 1 7  ? -4.482  2.724   7.301   1.00 26.31 ? 7   DT  A "O3'" 1 
ATOM   131 C  "C2'" . DT  A 1 7  ? -2.266  3.008   6.114   1.00 17.27 ? 7   DT  A "C2'" 1 
ATOM   132 C  "C1'" . DT  A 1 7  ? -2.327  2.349   4.762   1.00 15.89 ? 7   DT  A "C1'" 1 
ATOM   133 N  N1    . DT  A 1 7  ? -1.111  2.458   3.926   1.00 12.63 ? 7   DT  A N1    1 
ATOM   134 C  C2    . DT  A 1 7  ? -0.636  1.268   3.407   1.00 9.71  ? 7   DT  A C2    1 
ATOM   135 O  O2    . DT  A 1 7  ? -1.151  0.178   3.706   1.00 14.73 ? 7   DT  A O2    1 
ATOM   136 N  N3    . DT  A 1 7  ? 0.474   1.321   2.614   1.00 15.17 ? 7   DT  A N3    1 
ATOM   137 C  C4    . DT  A 1 7  ? 1.079   2.489   2.268   1.00 12.37 ? 7   DT  A C4    1 
ATOM   138 O  O4    . DT  A 1 7  ? 2.071   2.436   1.495   1.00 15.26 ? 7   DT  A O4    1 
ATOM   139 C  C5    . DT  A 1 7  ? 0.548   3.709   2.780   1.00 6.32  ? 7   DT  A C5    1 
ATOM   140 C  C7    . DT  A 1 7  ? 1.197   5.015   2.422   1.00 8.74  ? 7   DT  A C7    1 
ATOM   141 C  C6    . DT  A 1 7  ? -0.520  3.642   3.588   1.00 5.11  ? 7   DT  A C6    1 
ATOM   142 P  P     . DT  A 1 8  ? -4.077  1.973   8.635   1.00 19.94 ? 8   DT  A P     1 
ATOM   143 O  OP1   . DT  A 1 8  ? -5.295  1.477   9.349   1.00 24.36 ? 8   DT  A OP1   1 
ATOM   144 O  OP2   . DT  A 1 8  ? -3.345  2.999   9.421   1.00 29.95 ? 8   DT  A OP2   1 
ATOM   145 O  "O5'" . DT  A 1 8  ? -3.161  0.769   8.163   1.00 28.54 ? 8   DT  A "O5'" 1 
ATOM   146 C  "C5'" . DT  A 1 8  ? -3.741  -0.563  8.078   1.00 17.25 ? 8   DT  A "C5'" 1 
ATOM   147 C  "C4'" . DT  A 1 8  ? -2.560  -1.476  7.961   1.00 12.72 ? 8   DT  A "C4'" 1 
ATOM   148 O  "O4'" . DT  A 1 8  ? -1.639  -0.981  7.015   1.00 16.79 ? 8   DT  A "O4'" 1 
ATOM   149 C  "C3'" . DT  A 1 8  ? -1.780  -1.698  9.263   1.00 16.62 ? 8   DT  A "C3'" 1 
ATOM   150 O  "O3'" . DT  A 1 8  ? -1.430  -3.066  9.351   1.00 26.73 ? 8   DT  A "O3'" 1 
ATOM   151 C  "C2'" . DT  A 1 8  ? -0.512  -0.848  8.996   1.00 12.87 ? 8   DT  A "C2'" 1 
ATOM   152 C  "C1'" . DT  A 1 8  ? -0.287  -1.230  7.527   1.00 11.42 ? 8   DT  A "C1'" 1 
ATOM   153 N  N1    . DT  A 1 8  ? 0.652   -0.291  6.876   1.00 12.83 ? 8   DT  A N1    1 
ATOM   154 C  C2    . DT  A 1 8  ? 1.582   -0.832  6.010   1.00 7.93  ? 8   DT  A C2    1 
ATOM   155 O  O2    . DT  A 1 8  ? 1.636   -2.046  5.812   1.00 10.23 ? 8   DT  A O2    1 
ATOM   156 N  N3    . DT  A 1 8  ? 2.418   0.027   5.357   1.00 9.64  ? 8   DT  A N3    1 
ATOM   157 C  C4    . DT  A 1 8  ? 2.388   1.369   5.554   1.00 5.90  ? 8   DT  A C4    1 
ATOM   158 O  O4    . DT  A 1 8  ? 3.222   2.076   4.915   1.00 11.32 ? 8   DT  A O4    1 
ATOM   159 C  C5    . DT  A 1 8  ? 1.442   1.906   6.466   1.00 3.32  ? 8   DT  A C5    1 
ATOM   160 C  C7    . DT  A 1 8  ? 1.367   3.381   6.716   1.00 6.44  ? 8   DT  A C7    1 
ATOM   161 C  C6    . DT  A 1 8  ? 0.598   1.062   7.069   1.00 8.99  ? 8   DT  A C6    1 
HETATM 162 P  P     . EDA A 1 9  ? -1.307  -3.987  10.646  1.00 23.16 ? 9   EDA A P     1 
HETATM 163 O  OP1   . EDA A 1 9  ? -2.626  -4.648  10.895  1.00 27.66 ? 9   EDA A OP1   1 
HETATM 164 O  OP2   . EDA A 1 9  ? -0.815  -3.099  11.704  1.00 17.73 ? 9   EDA A OP2   1 
HETATM 165 O  "O5'" . EDA A 1 9  ? -0.223  -5.067  10.153  1.00 30.56 ? 9   EDA A "O5'" 1 
HETATM 166 N  N9    . EDA A 1 9  ? 4.358   -3.548  7.958   1.00 11.36 ? 9   EDA A N9    1 
HETATM 167 C  C4    . EDA A 1 9  ? 4.044   -2.269  8.343   1.00 10.75 ? 9   EDA A C4    1 
HETATM 168 N  N3    . EDA A 1 9  ? 3.136   -1.912  9.271   1.00 13.34 ? 9   EDA A N3    1 
HETATM 169 C  C2    . EDA A 1 9  ? 3.093   -0.591  9.437   1.00 1.68  ? 9   EDA A C2    1 
HETATM 170 N  N1    . EDA A 1 9  ? 3.860   0.333   8.786   1.00 3.53  ? 9   EDA A N1    1 
HETATM 171 C  C6    . EDA A 1 9  ? 4.769   -0.055  7.844   1.00 3.44  ? 9   EDA A C6    1 
HETATM 172 C  C10   . EDA A 1 9  ? 4.078   1.726   8.853   1.00 4.37  ? 9   EDA A C10   1 
HETATM 173 C  C11   . EDA A 1 9  ? 4.959   2.025   7.873   1.00 8.69  ? 9   EDA A C11   1 
HETATM 174 N  N6    . EDA A 1 9  ? 5.468   0.897   7.230   1.00 9.06  ? 9   EDA A N6    1 
HETATM 175 C  C5    . EDA A 1 9  ? 4.867   -1.435  7.616   1.00 11.95 ? 9   EDA A C5    1 
HETATM 176 N  N7    . EDA A 1 9  ? 5.674   -2.153  6.741   1.00 15.09 ? 9   EDA A N7    1 
HETATM 177 C  C8    . EDA A 1 9  ? 5.321   -3.397  6.980   1.00 11.34 ? 9   EDA A C8    1 
HETATM 178 C  "C2'" . EDA A 1 9  ? 3.549   -5.131  9.792   1.00 19.23 ? 9   EDA A "C2'" 1 
HETATM 179 C  "C5'" . EDA A 1 9  ? 0.212   -4.990  8.769   1.00 22.54 ? 9   EDA A "C5'" 1 
HETATM 180 C  "C4'" . EDA A 1 9  ? 1.548   -5.629  8.611   1.00 18.28 ? 9   EDA A "C4'" 1 
HETATM 181 O  "O4'" . EDA A 1 9  ? 2.417   -4.935  7.756   1.00 27.44 ? 9   EDA A "O4'" 1 
HETATM 182 C  "C1'" . EDA A 1 9  ? 3.719   -4.806  8.351   1.00 15.43 ? 9   EDA A "C1'" 1 
HETATM 183 C  "C3'" . EDA A 1 9  ? 2.339   -6.067  9.816   1.00 13.97 ? 9   EDA A "C3'" 1 
HETATM 184 O  "O3'" . EDA A 1 9  ? 2.619   -7.443  9.747   1.00 24.09 ? 9   EDA A "O3'" 1 
ATOM   185 P  P     . DG  A 1 10 ? 3.263   -8.441  10.807  1.00 26.99 ? 10  DG  A P     1 
ATOM   186 O  OP1   . DG  A 1 10 ? 2.819   -9.842  10.473  1.00 34.64 ? 10  DG  A OP1   1 
ATOM   187 O  OP2   . DG  A 1 10 ? 2.842   -7.988  12.143  1.00 24.36 ? 10  DG  A OP2   1 
ATOM   188 O  "O5'" . DG  A 1 10 ? 4.831   -8.286  10.549  1.00 31.59 ? 10  DG  A "O5'" 1 
ATOM   189 C  "C5'" . DG  A 1 10 ? 5.314   -8.573  9.206   1.00 30.81 ? 10  DG  A "C5'" 1 
ATOM   190 C  "C4'" . DG  A 1 10 ? 6.691   -7.968  9.146   1.00 27.93 ? 10  DG  A "C4'" 1 
ATOM   191 O  "O4'" . DG  A 1 10 ? 6.676   -6.578  8.889   1.00 28.56 ? 10  DG  A "O4'" 1 
ATOM   192 C  "C3'" . DG  A 1 10 ? 7.541   -8.171  10.397  1.00 24.02 ? 10  DG  A "C3'" 1 
ATOM   193 O  "O3'" . DG  A 1 10 ? 8.886   -8.449  9.983   1.00 24.96 ? 10  DG  A "O3'" 1 
ATOM   194 C  "C2'" . DG  A 1 10 ? 7.477   -6.774  11.032  1.00 15.80 ? 10  DG  A "C2'" 1 
ATOM   195 C  "C1'" . DG  A 1 10 ? 7.653   -5.953  9.736   1.00 13.26 ? 10  DG  A "C1'" 1 
ATOM   196 N  N9    . DG  A 1 10 ? 7.369   -4.552  10.068  1.00 16.14 ? 10  DG  A N9    1 
ATOM   197 C  C8    . DG  A 1 10 ? 6.557   -4.070  11.057  1.00 14.53 ? 10  DG  A C8    1 
ATOM   198 N  N7    . DG  A 1 10 ? 6.512   -2.766  11.117  1.00 15.60 ? 10  DG  A N7    1 
ATOM   199 C  C5    . DG  A 1 10 ? 7.378   -2.356  10.106  1.00 13.26 ? 10  DG  A C5    1 
ATOM   200 C  C6    . DG  A 1 10 ? 7.778   -1.065  9.678   1.00 13.68 ? 10  DG  A C6    1 
ATOM   201 O  O6    . DG  A 1 10 ? 7.418   0.027   10.139  1.00 20.65 ? 10  DG  A O6    1 
ATOM   202 N  N1    . DG  A 1 10 ? 8.671   -1.064  8.634   1.00 10.12 ? 10  DG  A N1    1 
ATOM   203 C  C2    . DG  A 1 10 ? 9.103   -2.212  8.051   1.00 9.73  ? 10  DG  A C2    1 
ATOM   204 N  N2    . DG  A 1 10 ? 9.958   -2.057  7.029   1.00 12.59 ? 10  DG  A N2    1 
ATOM   205 N  N3    . DG  A 1 10 ? 8.762   -3.446  8.410   1.00 16.90 ? 10  DG  A N3    1 
ATOM   206 C  C4    . DG  A 1 10 ? 7.906   -3.443  9.453   1.00 17.11 ? 10  DG  A C4    1 
ATOM   207 P  P     . DC  A 1 11 ? 9.591   -9.825  10.367  1.00 32.17 ? 11  DC  A P     1 
ATOM   208 O  OP1   . DC  A 1 11 ? 8.638   -10.971 10.201  1.00 46.52 ? 11  DC  A OP1   1 
ATOM   209 O  OP2   . DC  A 1 11 ? 10.016  -9.592  11.771  1.00 19.80 ? 11  DC  A OP2   1 
ATOM   210 O  "O5'" . DC  A 1 11 ? 10.773  -9.947  9.306   1.00 26.05 ? 11  DC  A "O5'" 1 
ATOM   211 C  "C5'" . DC  A 1 11 ? 10.503  -9.609  7.922   1.00 20.83 ? 11  DC  A "C5'" 1 
ATOM   212 C  "C4'" . DC  A 1 11 ? 11.623  -8.668  7.517   1.00 17.96 ? 11  DC  A "C4'" 1 
ATOM   213 O  "O4'" . DC  A 1 11 ? 11.223  -7.356  7.834   1.00 20.16 ? 11  DC  A "O4'" 1 
ATOM   214 C  "C3'" . DC  A 1 11 ? 12.964  -8.907  8.148   1.00 22.33 ? 11  DC  A "C3'" 1 
ATOM   215 O  "O3'" . DC  A 1 11 ? 14.029  -9.263  7.267   1.00 20.73 ? 11  DC  A "O3'" 1 
ATOM   216 C  "C2'" . DC  A 1 11 ? 13.235  -7.671  8.974   1.00 25.10 ? 11  DC  A "C2'" 1 
ATOM   217 C  "C1'" . DC  A 1 11 ? 12.355  -6.603  8.333   1.00 13.16 ? 11  DC  A "C1'" 1 
ATOM   218 N  N1    . DC  A 1 11 ? 11.885  -5.674  9.389   1.00 9.47  ? 11  DC  A N1    1 
ATOM   219 C  C2    . DC  A 1 11 ? 12.109  -4.324  9.199   1.00 6.93  ? 11  DC  A C2    1 
ATOM   220 O  O2    . DC  A 1 11 ? 12.685  -3.929  8.190   1.00 14.47 ? 11  DC  A O2    1 
ATOM   221 N  N3    . DC  A 1 11 ? 11.654  -3.473  10.150  1.00 11.32 ? 11  DC  A N3    1 
ATOM   222 C  C4    . DC  A 1 11 ? 11.009  -3.896  11.265  1.00 12.17 ? 11  DC  A C4    1 
ATOM   223 N  N4    . DC  A 1 11 ? 10.593  -3.004  12.166  1.00 16.26 ? 11  DC  A N4    1 
ATOM   224 C  C5    . DC  A 1 11 ? 10.788  -5.286  11.457  1.00 17.29 ? 11  DC  A C5    1 
ATOM   225 C  C6    . DC  A 1 11 ? 11.231  -6.114  10.502  1.00 19.82 ? 11  DC  A C6    1 
ATOM   226 P  P     . DG  A 1 12 ? 15.461  -9.629  7.925   1.00 33.31 ? 12  DG  A P     1 
ATOM   227 O  OP1   . DG  A 1 12 ? 16.155  -10.674 7.112   1.00 46.08 ? 12  DG  A OP1   1 
ATOM   228 O  OP2   . DG  A 1 12 ? 15.179  -10.082 9.307   1.00 19.66 ? 12  DG  A OP2   1 
ATOM   229 O  "O5'" . DG  A 1 12 ? 16.250  -8.250  7.874   1.00 40.54 ? 12  DG  A "O5'" 1 
ATOM   230 C  "C5'" . DG  A 1 12 ? 16.448  -7.602  6.589   1.00 33.41 ? 12  DG  A "C5'" 1 
ATOM   231 C  "C4'" . DG  A 1 12 ? 17.215  -6.331  6.922   1.00 24.86 ? 12  DG  A "C4'" 1 
ATOM   232 O  "O4'" . DG  A 1 12 ? 16.357  -5.447  7.595   1.00 18.20 ? 12  DG  A "O4'" 1 
ATOM   233 C  "C3'" . DG  A 1 12 ? 18.470  -6.509  7.722   1.00 18.81 ? 12  DG  A "C3'" 1 
ATOM   234 O  "O3'" . DG  A 1 12 ? 19.689  -6.165  7.054   1.00 32.75 ? 12  DG  A "O3'" 1 
ATOM   235 C  "C2'" . DG  A 1 12 ? 18.258  -5.700  8.978   1.00 16.33 ? 12  DG  A "C2'" 1 
ATOM   236 C  "C1'" . DG  A 1 12 ? 17.039  -4.856  8.716   1.00 13.18 ? 12  DG  A "C1'" 1 
ATOM   237 N  N9    . DG  A 1 12 ? 16.144  -4.978  9.892   1.00 12.01 ? 12  DG  A N9    1 
ATOM   238 C  C8    . DG  A 1 12 ? 15.677  -6.121  10.466  1.00 9.96  ? 12  DG  A C8    1 
ATOM   239 N  N7    . DG  A 1 12 ? 14.893  -5.905  11.486  1.00 8.84  ? 12  DG  A N7    1 
ATOM   240 C  C5    . DG  A 1 12 ? 14.848  -4.514  11.596  1.00 7.54  ? 12  DG  A C5    1 
ATOM   241 C  C6    . DG  A 1 12 ? 14.168  -3.664  12.503  1.00 13.27 ? 12  DG  A C6    1 
ATOM   242 O  O6    . DG  A 1 12 ? 13.451  -3.980  13.451  1.00 19.47 ? 12  DG  A O6    1 
ATOM   243 N  N1    . DG  A 1 12 ? 14.366  -2.318  12.275  1.00 12.92 ? 12  DG  A N1    1 
ATOM   244 C  C2    . DG  A 1 12 ? 15.162  -1.860  11.270  1.00 10.83 ? 12  DG  A C2    1 
ATOM   245 N  N2    . DG  A 1 12 ? 15.258  -0.532  11.190  1.00 14.87 ? 12  DG  A N2    1 
ATOM   246 N  N3    . DG  A 1 12 ? 15.809  -2.621  10.390  1.00 17.53 ? 12  DG  A N3    1 
ATOM   247 C  C4    . DG  A 1 12 ? 15.610  -3.933  10.608  1.00 8.56  ? 12  DG  A C4    1 
ATOM   248 O  "O5'" . DC  B 1 1  ? 13.171  4.826   17.480  1.00 31.41 ? 13  DC  B "O5'" 1 
ATOM   249 C  "C5'" . DC  B 1 1  ? 13.756  5.855   16.641  1.00 21.99 ? 13  DC  B "C5'" 1 
ATOM   250 C  "C4'" . DC  B 1 1  ? 13.762  5.289   15.235  1.00 20.31 ? 13  DC  B "C4'" 1 
ATOM   251 O  "O4'" . DC  B 1 1  ? 14.221  3.943   15.266  1.00 14.86 ? 13  DC  B "O4'" 1 
ATOM   252 C  "C3'" . DC  B 1 1  ? 12.417  5.302   14.530  1.00 20.04 ? 13  DC  B "C3'" 1 
ATOM   253 O  "O3'" . DC  B 1 1  ? 12.474  5.784   13.186  1.00 23.15 ? 13  DC  B "O3'" 1 
ATOM   254 C  "C2'" . DC  B 1 1  ? 12.030  3.824   14.553  1.00 10.24 ? 13  DC  B "C2'" 1 
ATOM   255 C  "C1'" . DC  B 1 1  ? 13.411  3.214   14.315  1.00 11.74 ? 13  DC  B "C1'" 1 
ATOM   256 N  N1    . DC  B 1 1  ? 13.313  1.782   14.673  1.00 12.02 ? 13  DC  B N1    1 
ATOM   257 C  C2    . DC  B 1 1  ? 13.809  0.877   13.752  1.00 8.26  ? 13  DC  B C2    1 
ATOM   258 O  O2    . DC  B 1 1  ? 14.351  1.269   12.718  1.00 17.19 ? 13  DC  B O2    1 
ATOM   259 N  N3    . DC  B 1 1  ? 13.703  -0.441  14.058  1.00 5.17  ? 13  DC  B N3    1 
ATOM   260 C  C4    . DC  B 1 1  ? 13.132  -0.880  15.210  1.00 9.23  ? 13  DC  B C4    1 
ATOM   261 N  N4    . DC  B 1 1  ? 13.055  -2.198  15.438  1.00 22.92 ? 13  DC  B N4    1 
ATOM   262 C  C5    . DC  B 1 1  ? 12.643  0.053   16.151  1.00 11.01 ? 13  DC  B C5    1 
ATOM   263 C  C6    . DC  B 1 1  ? 12.736  1.361   15.833  1.00 14.39 ? 13  DC  B C6    1 
ATOM   264 P  P     . DG  B 1 2  ? 12.059  7.276   12.775  1.00 16.94 ? 14  DG  B P     1 
ATOM   265 O  OP1   . DG  B 1 2  ? 12.713  8.291   13.643  1.00 18.35 ? 14  DG  B OP1   1 
ATOM   266 O  OP2   . DG  B 1 2  ? 10.586  7.259   12.802  1.00 17.24 ? 14  DG  B OP2   1 
ATOM   267 O  "O5'" . DG  B 1 2  ? 12.696  7.417   11.302  1.00 18.50 ? 14  DG  B "O5'" 1 
ATOM   268 C  "C5'" . DG  B 1 2  ? 14.104  7.049   11.238  1.00 15.15 ? 14  DG  B "C5'" 1 
ATOM   269 C  "C4'" . DG  B 1 2  ? 14.206  6.073   10.105  1.00 14.21 ? 14  DG  B "C4'" 1 
ATOM   270 O  "O4'" . DG  B 1 2  ? 14.090  4.737   10.461  1.00 14.40 ? 14  DG  B "O4'" 1 
ATOM   271 C  "C3'" . DG  B 1 2  ? 13.298  6.334   8.922   1.00 14.86 ? 14  DG  B "C3'" 1 
ATOM   272 O  "O3'" . DG  B 1 2  ? 14.053  6.505   7.719   1.00 20.88 ? 14  DG  B "O3'" 1 
ATOM   273 C  "C2'" . DG  B 1 2  ? 12.422  5.091   8.848   1.00 14.10 ? 14  DG  B "C2'" 1 
ATOM   274 C  "C1'" . DG  B 1 2  ? 13.321  4.017   9.446   1.00 6.19  ? 14  DG  B "C1'" 1 
ATOM   275 N  N9    . DG  B 1 2  ? 12.416  3.079   10.156  1.00 7.75  ? 14  DG  B N9    1 
ATOM   276 C  C8    . DG  B 1 2  ? 11.506  3.378   11.131  1.00 2.79  ? 14  DG  B C8    1 
ATOM   277 N  N7    . DG  B 1 2  ? 10.868  2.335   11.579  1.00 11.95 ? 14  DG  B N7    1 
ATOM   278 C  C5    . DG  B 1 2  ? 11.368  1.268   10.826  1.00 0.00  ? 14  DG  B C5    1 
ATOM   279 C  C6    . DG  B 1 2  ? 11.064  -0.111  10.822  1.00 1.56  ? 14  DG  B C6    1 
ATOM   280 O  O6    . DG  B 1 2  ? 10.238  -0.706  11.520  1.00 11.47 ? 14  DG  B O6    1 
ATOM   281 N  N1    . DG  B 1 2  ? 11.795  -0.849  9.923   1.00 7.23  ? 14  DG  B N1    1 
ATOM   282 C  C2    . DG  B 1 2  ? 12.717  -0.276  9.105   1.00 3.36  ? 14  DG  B C2    1 
ATOM   283 N  N2    . DG  B 1 2  ? 13.346  -1.114  8.269   1.00 10.78 ? 14  DG  B N2    1 
ATOM   284 N  N3    . DG  B 1 2  ? 13.034  1.006   9.068   1.00 8.47  ? 14  DG  B N3    1 
ATOM   285 C  C4    . DG  B 1 2  ? 12.327  1.729   9.958   1.00 3.98  ? 14  DG  B C4    1 
ATOM   286 P  P     . DC  B 1 3  ? 13.408  7.250   6.477   1.00 11.14 ? 15  DC  B P     1 
ATOM   287 O  OP1   . DC  B 1 3  ? 14.318  8.327   5.995   1.00 24.32 ? 15  DC  B OP1   1 
ATOM   288 O  OP2   . DC  B 1 3  ? 12.126  7.783   7.007   1.00 30.13 ? 15  DC  B OP2   1 
ATOM   289 O  "O5'" . DC  B 1 3  ? 13.192  6.107   5.399   1.00 16.02 ? 15  DC  B "O5'" 1 
ATOM   290 C  "C5'" . DC  B 1 3  ? 14.289  5.218   5.096   1.00 16.94 ? 15  DC  B "C5'" 1 
ATOM   291 C  "C4'" . DC  B 1 3  ? 13.640  3.928   4.673   1.00 18.81 ? 15  DC  B "C4'" 1 
ATOM   292 O  "O4'" . DC  B 1 3  ? 13.076  3.296   5.781   1.00 25.29 ? 15  DC  B "O4'" 1 
ATOM   293 C  "C3'" . DC  B 1 3  ? 12.592  3.970   3.593   1.00 10.58 ? 15  DC  B "C3'" 1 
ATOM   294 O  "O3'" . DC  B 1 3  ? 13.112  3.635   2.306   1.00 24.32 ? 15  DC  B "O3'" 1 
ATOM   295 C  "C2'" . DC  B 1 3  ? 11.563  2.927   4.009   1.00 16.32 ? 15  DC  B "C2'" 1 
ATOM   296 C  "C1'" . DC  B 1 3  ? 12.034  2.408   5.341   1.00 10.56 ? 15  DC  B "C1'" 1 
ATOM   297 N  N1    . DC  B 1 3  ? 10.922  2.491   6.322   1.00 2.93  ? 15  DC  B N1    1 
ATOM   298 C  C2    . DC  B 1 3  ? 10.401  1.303   6.759   1.00 3.64  ? 15  DC  B C2    1 
ATOM   299 O  O2    . DC  B 1 3  ? 10.825  0.236   6.333   1.00 8.95  ? 15  DC  B O2    1 
ATOM   300 N  N3    . DC  B 1 3  ? 9.391   1.360   7.668   1.00 4.54  ? 15  DC  B N3    1 
ATOM   301 C  C4    . DC  B 1 3  ? 8.902   2.527   8.142   1.00 0.59  ? 15  DC  B C4    1 
ATOM   302 N  N4    . DC  B 1 3  ? 7.928   2.494   9.055   1.00 7.74  ? 15  DC  B N4    1 
ATOM   303 C  C5    . DC  B 1 3  ? 9.452   3.754   7.678   1.00 6.67  ? 15  DC  B C5    1 
ATOM   304 C  C6    . DC  B 1 3  ? 10.432  3.686   6.769   1.00 3.35  ? 15  DC  B C6    1 
ATOM   305 P  P     . DG  B 1 4  ? 12.564  4.198   0.911   1.00 29.66 ? 16  DG  B P     1 
ATOM   306 O  OP1   . DG  B 1 4  ? 13.663  4.881   0.157   1.00 29.52 ? 16  DG  B OP1   1 
ATOM   307 O  OP2   . DG  B 1 4  ? 11.468  5.123   1.263   1.00 34.17 ? 16  DG  B OP2   1 
ATOM   308 O  "O5'" . DG  B 1 4  ? 12.077  2.859   0.181   1.00 27.63 ? 16  DG  B "O5'" 1 
ATOM   309 C  "C5'" . DG  B 1 4  ? 13.039  1.788   0.004   1.00 18.96 ? 16  DG  B "C5'" 1 
ATOM   310 C  "C4'" . DG  B 1 4  ? 12.254  0.516   0.031   1.00 14.48 ? 16  DG  B "C4'" 1 
ATOM   311 O  "O4'" . DG  B 1 4  ? 11.488  0.412   1.201   1.00 22.09 ? 16  DG  B "O4'" 1 
ATOM   312 C  "C3'" . DG  B 1 4  ? 11.248  0.282   -1.106  1.00 17.20 ? 16  DG  B "C3'" 1 
ATOM   313 O  "O3'" . DG  B 1 4  ? 10.893  -1.115  -1.096  1.00 26.08 ? 16  DG  B "O3'" 1 
ATOM   314 C  "C2'" . DG  B 1 4  ? 10.083  1.120   -0.512  1.00 17.27 ? 16  DG  B "C2'" 1 
ATOM   315 C  "C1'" . DG  B 1 4  ? 10.083  0.475   0.885   1.00 15.61 ? 16  DG  B "C1'" 1 
ATOM   316 N  N9    . DG  B 1 4  ? 9.311   1.314   1.823   1.00 14.03 ? 16  DG  B N9    1 
ATOM   317 C  C8    . DG  B 1 4  ? 9.099   2.674   1.779   1.00 14.45 ? 16  DG  B C8    1 
ATOM   318 N  N7    . DG  B 1 4  ? 8.390   3.139   2.763   1.00 10.06 ? 16  DG  B N7    1 
ATOM   319 C  C5    . DG  B 1 4  ? 8.080   2.000   3.508   1.00 11.00 ? 16  DG  B C5    1 
ATOM   320 C  C6    . DG  B 1 4  ? 7.321   1.834   4.697   1.00 7.29  ? 16  DG  B C6    1 
ATOM   321 O  O6    . DG  B 1 4  ? 6.751   2.701   5.360   1.00 18.78 ? 16  DG  B O6    1 
ATOM   322 N  N1    . DG  B 1 4  ? 7.272   0.542   5.154   1.00 2.45  ? 16  DG  B N1    1 
ATOM   323 C  C2    . DG  B 1 4  ? 7.875   -0.488  4.517   1.00 3.55  ? 16  DG  B C2    1 
ATOM   324 N  N2    . DG  B 1 4  ? 7.690   -1.687  5.073   1.00 6.47  ? 16  DG  B N2    1 
ATOM   325 N  N3    . DG  B 1 4  ? 8.589   -0.382  3.398   1.00 15.35 ? 16  DG  B N3    1 
ATOM   326 C  C4    . DG  B 1 4  ? 8.642   0.886   2.941   1.00 5.55  ? 16  DG  B C4    1 
ATOM   327 P  P     . DA  B 1 5  ? 10.641  -1.986  -2.407  1.00 24.40 ? 17  DA  B P     1 
ATOM   328 O  OP1   . DA  B 1 5  ? 11.917  -2.167  -3.167  1.00 35.25 ? 17  DA  B OP1   1 
ATOM   329 O  OP2   . DA  B 1 5  ? 9.599   -1.228  -3.120  1.00 24.05 ? 17  DA  B OP2   1 
ATOM   330 O  "O5'" . DA  B 1 5  ? 10.142  -3.394  -1.847  1.00 20.63 ? 17  DA  B "O5'" 1 
ATOM   331 C  "C5'" . DA  B 1 5  ? 10.458  -3.707  -0.476  1.00 22.43 ? 17  DA  B "C5'" 1 
ATOM   332 C  "C4'" . DA  B 1 5  ? 9.417   -4.623  0.062   1.00 21.73 ? 17  DA  B "C4'" 1 
ATOM   333 O  "O4'" . DA  B 1 5  ? 8.659   -4.032  1.087   1.00 26.02 ? 17  DA  B "O4'" 1 
ATOM   334 C  "C3'" . DA  B 1 5  ? 8.394   -5.217  -0.912  1.00 26.38 ? 17  DA  B "C3'" 1 
ATOM   335 O  "O3'" . DA  B 1 5  ? 7.955   -6.492  -0.418  1.00 26.00 ? 17  DA  B "O3'" 1 
ATOM   336 C  "C2'" . DA  B 1 5  ? 7.298   -4.141  -0.825  1.00 21.60 ? 17  DA  B "C2'" 1 
ATOM   337 C  "C1'" . DA  B 1 5  ? 7.277   -3.900  0.679   1.00 9.39  ? 17  DA  B "C1'" 1 
ATOM   338 N  N9    . DA  B 1 5  ? 6.791   -2.543  0.961   1.00 5.87  ? 17  DA  B N9    1 
ATOM   339 C  C8    . DA  B 1 5  ? 7.051   -1.391  0.263   1.00 7.63  ? 17  DA  B C8    1 
ATOM   340 N  N7    . DA  B 1 5  ? 6.450   -0.326  0.730   1.00 14.04 ? 17  DA  B N7    1 
ATOM   341 C  C5    . DA  B 1 5  ? 5.727   -0.823  1.818   1.00 15.14 ? 17  DA  B C5    1 
ATOM   342 C  C6    . DA  B 1 5  ? 4.880   -0.174  2.749   1.00 12.18 ? 17  DA  B C6    1 
ATOM   343 N  N6    . DA  B 1 5  ? 4.621   1.132   2.724   1.00 7.46  ? 17  DA  B N6    1 
ATOM   344 N  N1    . DA  B 1 5  ? 4.320   -1.005  3.671   1.00 14.02 ? 17  DA  B N1    1 
ATOM   345 C  C2    . DA  B 1 5  ? 4.585   -2.333  3.707   1.00 12.36 ? 17  DA  B C2    1 
ATOM   346 N  N3    . DA  B 1 5  ? 5.371   -3.005  2.873   1.00 14.35 ? 17  DA  B N3    1 
ATOM   347 C  C4    . DA  B 1 5  ? 5.924   -2.177  1.959   1.00 5.85  ? 17  DA  B C4    1 
ATOM   348 P  P     . DA  B 1 6  ? 7.049   -7.496  -1.269  1.00 23.12 ? 18  DA  B P     1 
ATOM   349 O  OP1   . DA  B 1 6  ? 7.731   -8.817  -1.365  1.00 29.93 ? 18  DA  B OP1   1 
ATOM   350 O  OP2   . DA  B 1 6  ? 6.891   -6.792  -2.562  1.00 30.88 ? 18  DA  B OP2   1 
ATOM   351 O  "O5'" . DA  B 1 6  ? 5.704   -7.619  -0.413  1.00 24.39 ? 18  DA  B "O5'" 1 
ATOM   352 C  "C5'" . DA  B 1 6  ? 5.775   -7.505  1.022   1.00 15.55 ? 18  DA  B "C5'" 1 
ATOM   353 C  "C4'" . DA  B 1 6  ? 4.393   -7.442  1.598   1.00 20.22 ? 18  DA  B "C4'" 1 
ATOM   354 O  "O4'" . DA  B 1 6  ? 3.988   -6.142  1.914   1.00 21.66 ? 18  DA  B "O4'" 1 
ATOM   355 C  "C3'" . DA  B 1 6  ? 3.267   -8.063  0.801   1.00 23.78 ? 18  DA  B "C3'" 1 
ATOM   356 O  "O3'" . DA  B 1 6  ? 2.344   -8.811  1.565   1.00 19.96 ? 18  DA  B "O3'" 1 
ATOM   357 C  "C2'" . DA  B 1 6  ? 2.674   -6.840  0.096   1.00 21.13 ? 18  DA  B "C2'" 1 
ATOM   358 C  "C1'" . DA  B 1 6  ? 2.831   -5.767  1.139   1.00 12.97 ? 18  DA  B "C1'" 1 
ATOM   359 N  N9    . DA  B 1 6  ? 2.969   -4.425  0.560   1.00 6.30  ? 18  DA  B N9    1 
ATOM   360 C  C8    . DA  B 1 6  ? 3.667   -4.011  -0.538  1.00 2.56  ? 18  DA  B C8    1 
ATOM   361 N  N7    . DA  B 1 6  ? 3.611   -2.718  -0.748  1.00 6.20  ? 18  DA  B N7    1 
ATOM   362 C  C5    . DA  B 1 6  ? 2.842   -2.234  0.300   1.00 1.34  ? 18  DA  B C5    1 
ATOM   363 C  C6    . DA  B 1 6  ? 2.420   -0.931  0.631   1.00 2.02  ? 18  DA  B C6    1 
ATOM   364 N  N6    . DA  B 1 6  ? 2.698   0.159   -0.068  1.00 7.26  ? 18  DA  B N6    1 
ATOM   365 N  N1    . DA  B 1 6  ? 1.631   -0.851  1.740   1.00 3.33  ? 18  DA  B N1    1 
ATOM   366 C  C2    . DA  B 1 6  ? 1.273   -1.951  2.449   1.00 0.96  ? 18  DA  B C2    1 
ATOM   367 N  N3    . DA  B 1 6  ? 1.658   -3.197  2.202   1.00 8.80  ? 18  DA  B N3    1 
ATOM   368 C  C4    . DA  B 1 6  ? 2.435   -3.268  1.105   1.00 7.20  ? 18  DA  B C4    1 
ATOM   369 P  P     . DT  B 1 7  ? 1.143   -9.655  0.934   1.00 25.59 ? 19  DT  B P     1 
ATOM   370 O  OP1   . DT  B 1 7  ? 1.096   -11.010 1.547   1.00 29.43 ? 19  DT  B OP1   1 
ATOM   371 O  OP2   . DT  B 1 7  ? 1.400   -9.660  -0.527  1.00 28.00 ? 19  DT  B OP2   1 
ATOM   372 O  "O5'" . DT  B 1 7  ? -0.166  -8.807  1.273   1.00 29.57 ? 19  DT  B "O5'" 1 
ATOM   373 C  "C5'" . DT  B 1 7  ? -0.277  -8.181  2.575   1.00 23.43 ? 19  DT  B "C5'" 1 
ATOM   374 C  "C4'" . DT  B 1 7  ? -1.245  -7.057  2.463   1.00 15.11 ? 19  DT  B "C4'" 1 
ATOM   375 O  "O4'" . DT  B 1 7  ? -0.700  -5.895  1.898   1.00 19.51 ? 19  DT  B "O4'" 1 
ATOM   376 C  "C3'" . DT  B 1 7  ? -2.576  -7.307  1.799   1.00 12.99 ? 19  DT  B "C3'" 1 
ATOM   377 O  "O3'" . DT  B 1 7  ? -3.652  -7.111  2.724   1.00 27.68 ? 19  DT  B "O3'" 1 
ATOM   378 C  "C2'" . DT  B 1 7  ? -2.626  -6.260  0.682   1.00 20.22 ? 19  DT  B "C2'" 1 
ATOM   379 C  "C1'" . DT  B 1 7  ? -1.774  -5.154  1.267   1.00 7.75  ? 19  DT  B "C1'" 1 
ATOM   380 N  N1    . DT  B 1 7  ? -1.245  -4.220  0.259   1.00 8.86  ? 19  DT  B N1    1 
ATOM   381 C  C2    . DT  B 1 7  ? -1.544  -2.875  0.454   1.00 1.19  ? 19  DT  B C2    1 
ATOM   382 O  O2    . DT  B 1 7  ? -2.238  -2.513  1.401   1.00 13.35 ? 19  DT  B O2    1 
ATOM   383 N  N3    . DT  B 1 7  ? -1.045  -1.970  -0.424  1.00 2.74  ? 19  DT  B N3    1 
ATOM   384 C  C4    . DT  B 1 7  ? -0.236  -2.335  -1.468  1.00 8.08  ? 19  DT  B C4    1 
ATOM   385 O  O4    . DT  B 1 7  ? 0.189   -1.417  -2.225  1.00 11.53 ? 19  DT  B O4    1 
ATOM   386 C  C5    . DT  B 1 7  ? 0.069   -3.702  -1.650  1.00 0.24  ? 19  DT  B C5    1 
ATOM   387 C  C7    . DT  B 1 7  ? 0.927   -4.149  -2.799  1.00 9.98  ? 19  DT  B C7    1 
ATOM   388 C  C6    . DT  B 1 7  ? -0.452  -4.587  -0.787  1.00 12.44 ? 19  DT  B C6    1 
ATOM   389 P  P     . DT  B 1 8  ? -5.133  -7.591  2.341   1.00 19.92 ? 20  DT  B P     1 
ATOM   390 O  OP1   . DT  B 1 8  ? -5.591  -8.665  3.265   1.00 36.49 ? 20  DT  B OP1   1 
ATOM   391 O  OP2   . DT  B 1 8  ? -4.922  -8.059  0.950   1.00 25.74 ? 20  DT  B OP2   1 
ATOM   392 O  "O5'" . DT  B 1 8  ? -6.048  -6.308  2.532   1.00 16.91 ? 20  DT  B "O5'" 1 
ATOM   393 C  "C5'" . DT  B 1 8  ? -5.625  -5.183  3.321   1.00 8.18  ? 20  DT  B "C5'" 1 
ATOM   394 C  "C4'" . DT  B 1 8  ? -6.214  -3.933  2.785   1.00 1.65  ? 20  DT  B "C4'" 1 
ATOM   395 O  "O4'" . DT  B 1 8  ? -5.400  -3.150  1.990   1.00 6.08  ? 20  DT  B "O4'" 1 
ATOM   396 C  "C3'" . DT  B 1 8  ? -7.618  -3.885  2.216   1.00 11.63 ? 20  DT  B "C3'" 1 
ATOM   397 O  "O3'" . DT  B 1 8  ? -8.404  -2.958  2.971   1.00 23.95 ? 20  DT  B "O3'" 1 
ATOM   398 C  "C2'" . DT  B 1 8  ? -7.364  -3.413  0.780   1.00 10.12 ? 20  DT  B "C2'" 1 
ATOM   399 C  "C1'" . DT  B 1 8  ? -6.167  -2.492  0.947   1.00 3.70  ? 20  DT  B "C1'" 1 
ATOM   400 N  N1    . DT  B 1 8  ? -5.322  -2.434  -0.265  1.00 6.86  ? 20  DT  B N1    1 
ATOM   401 C  C2    . DT  B 1 8  ? -4.982  -1.181  -0.740  1.00 3.36  ? 20  DT  B C2    1 
ATOM   402 O  O2    . DT  B 1 8  ? -5.413  -0.166  -0.198  1.00 8.56  ? 20  DT  B O2    1 
ATOM   403 N  N3    . DT  B 1 8  ? -4.159  -1.104  -1.823  1.00 5.92  ? 20  DT  B N3    1 
ATOM   404 C  C4    . DT  B 1 8  ? -3.661  -2.219  -2.441  1.00 10.85 ? 20  DT  B C4    1 
ATOM   405 O  O4    . DT  B 1 8  ? -2.909  -2.052  -3.461  1.00 13.90 ? 20  DT  B O4    1 
ATOM   406 C  C5    . DT  B 1 8  ? -4.038  -3.498  -1.953  1.00 7.92  ? 20  DT  B C5    1 
ATOM   407 C  C7    . DT  B 1 8  ? -3.531  -4.743  -2.629  1.00 9.13  ? 20  DT  B C7    1 
ATOM   408 C  C6    . DT  B 1 8  ? -4.835  -3.558  -0.885  1.00 9.26  ? 20  DT  B C6    1 
HETATM 409 P  P     . EDA B 1 9  ? -9.955  -2.650  2.841   1.00 19.89 ? 21  EDA B P     1 
HETATM 410 O  OP1   . EDA B 1 9  ? -10.574 -2.470  4.196   1.00 26.39 ? 21  EDA B OP1   1 
HETATM 411 O  OP2   . EDA B 1 9  ? -10.511 -3.831  2.132   1.00 32.51 ? 21  EDA B OP2   1 
HETATM 412 O  "O5'" . EDA B 1 9  ? -10.022 -1.299  2.006   1.00 22.37 ? 21  EDA B "O5'" 1 
HETATM 413 N  N9    . EDA B 1 9  ? -8.424  1.038   -1.995  1.00 5.96  ? 21  EDA B N9    1 
HETATM 414 C  C4    . EDA B 1 9  ? -8.157  -0.246  -2.401  1.00 1.81  ? 21  EDA B C4    1 
HETATM 415 N  N3    . EDA B 1 9  ? -8.691  -1.376  -1.899  1.00 11.76 ? 21  EDA B N3    1 
HETATM 416 C  C2    . EDA B 1 9  ? -8.239  -2.477  -2.513  1.00 6.42  ? 21  EDA B C2    1 
HETATM 417 N  N1    . EDA B 1 9  ? -7.329  -2.494  -3.536  1.00 4.72  ? 21  EDA B N1    1 
HETATM 418 C  C6    . EDA B 1 9  ? -6.805  -1.336  -4.036  1.00 0.00  ? 21  EDA B C6    1 
HETATM 419 C  C10   . EDA B 1 9  ? -6.666  -3.468  -4.278  1.00 0.41  ? 21  EDA B C10   1 
HETATM 420 C  C11   . EDA B 1 9  ? -5.909  -2.815  -5.183  1.00 3.61  ? 21  EDA B C11   1 
HETATM 421 N  N6    . EDA B 1 9  ? -5.932  -1.444  -5.023  1.00 5.34  ? 21  EDA B N6    1 
HETATM 422 C  C5    . EDA B 1 9  ? -7.235  -0.150  -3.418  1.00 3.75  ? 21  EDA B C5    1 
HETATM 423 N  N7    . EDA B 1 9  ? -6.915  1.180   -3.677  1.00 7.17  ? 21  EDA B N7    1 
HETATM 424 C  C8    . EDA B 1 9  ? -7.630  1.836   -2.788  1.00 3.53  ? 21  EDA B C8    1 
HETATM 425 C  "C2'" . EDA B 1 9  ? -10.608 0.874   -0.693  1.00 14.22 ? 21  EDA B "C2'" 1 
HETATM 426 C  "C5'" . EDA B 1 9  ? -9.143  -0.197  2.294   1.00 13.21 ? 21  EDA B "C5'" 1 
HETATM 427 C  "C4'" . EDA B 1 9  ? -9.485  0.944   1.392   1.00 6.29  ? 21  EDA B "C4'" 1 
HETATM 428 O  "O4'" . EDA B 1 9  ? -8.562  1.125   0.361   1.00 17.99 ? 21  EDA B "O4'" 1 
HETATM 429 C  "C1'" . EDA B 1 9  ? -9.248  1.487   -0.869  1.00 2.99  ? 21  EDA B "C1'" 1 
HETATM 430 C  "C3'" . EDA B 1 9  ? -10.866 1.114   0.806   1.00 13.95 ? 21  EDA B "C3'" 1 
HETATM 431 O  "O3'" . EDA B 1 9  ? -11.364 2.430   1.076   1.00 17.55 ? 21  EDA B "O3'" 1 
ATOM   432 P  P     . DG  B 1 10 ? -12.833 2.954   0.765   1.00 19.09 ? 22  DG  B P     1 
ATOM   433 O  OP1   . DG  B 1 10 ? -13.235 4.012   1.744   1.00 28.26 ? 22  DG  B OP1   1 
ATOM   434 O  OP2   . DG  B 1 10 ? -13.681 1.743   0.820   1.00 16.12 ? 22  DG  B OP2   1 
ATOM   435 O  "O5'" . DG  B 1 10 ? -12.753 3.623   -0.695  1.00 20.37 ? 22  DG  B "O5'" 1 
ATOM   436 C  "C5'" . DG  B 1 10 ? -12.017 4.843   -0.919  1.00 8.45  ? 22  DG  B "C5'" 1 
ATOM   437 C  "C4'" . DG  B 1 10 ? -11.864 5.057   -2.394  1.00 8.56  ? 22  DG  B "C4'" 1 
ATOM   438 O  "O4'" . DG  B 1 10 ? -11.023 4.110   -2.979  1.00 9.91  ? 22  DG  B "O4'" 1 
ATOM   439 C  "C3'" . DG  B 1 10 ? -13.121 5.080   -3.243  1.00 14.87 ? 22  DG  B "C3'" 1 
ATOM   440 O  "O3'" . DG  B 1 10 ? -13.052 6.055   -4.285  1.00 20.96 ? 22  DG  B "O3'" 1 
ATOM   441 C  "C2'" . DG  B 1 10 ? -13.076 3.695   -3.926  1.00 11.58 ? 22  DG  B "C2'" 1 
ATOM   442 C  "C1'" . DG  B 1 10 ? -11.576 3.668   -4.239  1.00 9.44  ? 22  DG  B "C1'" 1 
ATOM   443 N  N9    . DG  B 1 10 ? -11.199 2.286   -4.609  1.00 7.81  ? 22  DG  B N9    1 
ATOM   444 C  C8    . DG  B 1 10 ? -11.754 1.104   -4.202  1.00 0.13  ? 22  DG  B C8    1 
ATOM   445 N  N7    . DG  B 1 10 ? -11.196 0.041   -4.725  1.00 5.02  ? 22  DG  B N7    1 
ATOM   446 C  C5    . DG  B 1 10 ? -10.217 0.558   -5.569  1.00 3.76  ? 22  DG  B C5    1 
ATOM   447 C  C6    . DG  B 1 10 ? -9.278  -0.082  -6.413  1.00 4.63  ? 22  DG  B C6    1 
ATOM   448 O  O6    . DG  B 1 10 ? -9.130  -1.294  -6.592  1.00 11.92 ? 22  DG  B O6    1 
ATOM   449 N  N1    . DG  B 1 10 ? -8.423  0.772   -7.074  1.00 9.01  ? 22  DG  B N1    1 
ATOM   450 C  C2    . DG  B 1 10 ? -8.507  2.119   -6.926  1.00 9.44  ? 22  DG  B C2    1 
ATOM   451 N  N2    . DG  B 1 10 ? -7.627  2.821   -7.649  1.00 17.13 ? 22  DG  B N2    1 
ATOM   452 N  N3    . DG  B 1 10 ? -9.386  2.777   -6.169  1.00 14.69 ? 22  DG  B N3    1 
ATOM   453 C  C4    . DG  B 1 10 ? -10.209 1.934   -5.510  1.00 10.38 ? 22  DG  B C4    1 
ATOM   454 P  P     . DC  B 1 11 ? -13.601 7.537   -4.060  1.00 17.80 ? 23  DC  B P     1 
ATOM   455 O  OP1   . DC  B 1 11 ? -13.024 8.081   -2.787  1.00 19.78 ? 23  DC  B OP1   1 
ATOM   456 O  OP2   . DC  B 1 11 ? -15.059 7.437   -4.083  1.00 16.82 ? 23  DC  B OP2   1 
ATOM   457 O  "O5'" . DC  B 1 11 ? -12.986 8.324   -5.311  1.00 22.97 ? 23  DC  B "O5'" 1 
ATOM   458 C  "C5'" . DC  B 1 11 ? -11.559 8.575   -5.245  1.00 18.06 ? 23  DC  B "C5'" 1 
ATOM   459 C  "C4'" . DC  B 1 11 ? -11.037 8.491   -6.642  1.00 24.16 ? 23  DC  B "C4'" 1 
ATOM   460 O  "O4'" . DC  B 1 11 ? -10.586 7.211   -6.962  1.00 22.24 ? 23  DC  B "O4'" 1 
ATOM   461 C  "C3'" . DC  B 1 11 ? -11.902 9.018   -7.768  1.00 24.31 ? 23  DC  B "C3'" 1 
ATOM   462 O  "O3'" . DC  B 1 11 ? -11.216 10.013  -8.552  1.00 35.01 ? 23  DC  B "O3'" 1 
ATOM   463 C  "C2'" . DC  B 1 11 ? -12.194 7.761   -8.568  1.00 22.27 ? 23  DC  B "C2'" 1 
ATOM   464 C  "C1'" . DC  B 1 11 ? -10.952 6.906   -8.346  1.00 18.10 ? 23  DC  B "C1'" 1 
ATOM   465 N  N1    . DC  B 1 11 ? -11.412 5.489   -8.297  1.00 18.44 ? 23  DC  B N1    1 
ATOM   466 C  C2    . DC  B 1 11 ? -10.638 4.539   -8.918  1.00 15.46 ? 23  DC  B C2    1 
ATOM   467 O  O2    . DC  B 1 11 ? -9.628  4.883   -9.525  1.00 26.23 ? 23  DC  B O2    1 
ATOM   468 N  N3    . DC  B 1 11 ? -11.042 3.242   -8.836  1.00 17.03 ? 23  DC  B N3    1 
ATOM   469 C  C4    . DC  B 1 11 ? -12.171 2.876   -8.168  1.00 14.34 ? 23  DC  B C4    1 
ATOM   470 N  N4    . DC  B 1 11 ? -12.548 1.598   -8.114  1.00 15.70 ? 23  DC  B N4    1 
ATOM   471 C  C5    . DC  B 1 11 ? -12.952 3.871   -7.528  1.00 19.79 ? 23  DC  B C5    1 
ATOM   472 C  C6    . DC  B 1 11 ? -12.530 5.148   -7.602  1.00 18.35 ? 23  DC  B C6    1 
ATOM   473 P  P     . DG  B 1 12 ? -12.035 11.107  -9.407  1.00 31.08 ? 24  DG  B P     1 
ATOM   474 O  OP1   . DG  B 1 12 ? -11.484 12.487  -9.209  1.00 31.38 ? 24  DG  B OP1   1 
ATOM   475 O  OP2   . DG  B 1 12 ? -13.415 10.969  -8.872  1.00 20.73 ? 24  DG  B OP2   1 
ATOM   476 O  "O5'" . DG  B 1 12 ? -11.854 10.621  -10.912 1.00 24.91 ? 24  DG  B "O5'" 1 
ATOM   477 C  "C5'" . DG  B 1 12 ? -10.544 10.303  -11.448 1.00 20.06 ? 24  DG  B "C5'" 1 
ATOM   478 C  "C4'" . DG  B 1 12 ? -10.769 9.344   -12.610 1.00 12.96 ? 24  DG  B "C4'" 1 
ATOM   479 O  "O4'" . DG  B 1 12 ? -10.941 8.049   -12.070 1.00 9.88  ? 24  DG  B "O4'" 1 
ATOM   480 C  "C3'" . DG  B 1 12 ? -11.970 9.608   -13.474 1.00 16.14 ? 24  DG  B "C3'" 1 
ATOM   481 O  "O3'" . DG  B 1 12 ? -11.809 10.468  -14.588 1.00 19.34 ? 24  DG  B "O3'" 1 
ATOM   482 C  "C2'" . DG  B 1 12 ? -12.558 8.253   -13.780 1.00 15.40 ? 24  DG  B "C2'" 1 
ATOM   483 C  "C1'" . DG  B 1 12 ? -11.776 7.278   -12.953 1.00 14.99 ? 24  DG  B "C1'" 1 
ATOM   484 N  N9    . DG  B 1 12 ? -12.644 6.364   -12.185 1.00 14.33 ? 24  DG  B N9    1 
ATOM   485 C  C8    . DG  B 1 12 ? -13.619 6.682   -11.269 1.00 12.86 ? 24  DG  B C8    1 
ATOM   486 N  N7    . DG  B 1 12 ? -14.203 5.639   -10.743 1.00 14.72 ? 24  DG  B N7    1 
ATOM   487 C  C5    . DG  B 1 12 ? -13.575 4.559   -11.345 1.00 5.65  ? 24  DG  B C5    1 
ATOM   488 C  C6    . DG  B 1 12 ? -13.749 3.158   -11.190 1.00 11.74 ? 24  DG  B C6    1 
ATOM   489 O  O6    . DG  B 1 12 ? -14.561 2.601   -10.449 1.00 18.75 ? 24  DG  B O6    1 
ATOM   490 N  N1    . DG  B 1 12 ? -12.920 2.376   -11.964 1.00 11.89 ? 24  DG  B N1    1 
ATOM   491 C  C2    . DG  B 1 12 ? -12.008 2.937   -12.813 1.00 4.81  ? 24  DG  B C2    1 
ATOM   492 N  N2    . DG  B 1 12 ? -11.254 2.081   -13.506 1.00 10.45 ? 24  DG  B N2    1 
ATOM   493 N  N3    . DG  B 1 12 ? -11.801 4.239   -12.989 1.00 9.11  ? 24  DG  B N3    1 
ATOM   494 C  C4    . DG  B 1 12 ? -12.612 4.991   -12.226 1.00 7.27  ? 24  DG  B C4    1 
HETATM 495 MG MG    . MG  C 2 .  ? -11.489 -4.150  -7.730  1.00 22.14 ? 25  MG  A MG    1 
HETATM 496 O  O     . HOH D 3 .  ? -6.047  5.171   -2.736  1.00 30.51 ? 26  HOH A O     1 
HETATM 497 O  O     . HOH D 3 .  ? -5.294  0.537   3.603   1.00 35.98 ? 28  HOH A O     1 
HETATM 498 O  O     . HOH D 3 .  ? -2.904  -1.516  3.741   1.00 23.60 ? 29  HOH A O     1 
HETATM 499 O  O     . HOH D 3 .  ? -2.025  -4.189  5.483   1.00 35.42 ? 30  HOH A O     1 
HETATM 500 O  O     . HOH D 3 .  ? 0.566   -4.215  4.859   1.00 31.68 ? 31  HOH A O     1 
HETATM 501 O  O     . HOH D 3 .  ? 8.567   -5.631  6.426   1.00 35.40 ? 34  HOH A O     1 
HETATM 502 O  O     . HOH D 3 .  ? 13.957  -8.469  12.554  1.00 23.93 ? 35  HOH A O     1 
HETATM 503 O  O     . HOH D 3 .  ? 4.132   4.998   4.601   1.00 29.32 ? 38  HOH A O     1 
HETATM 504 O  O     . HOH D 3 .  ? 2.137   4.632   -1.737  1.00 37.83 ? 43  HOH A O     1 
HETATM 505 O  O     . HOH D 3 .  ? 0.245   -10.026 8.815   1.00 31.88 ? 55  HOH A O     1 
HETATM 506 O  O     . HOH D 3 .  ? -4.700  13.329  -1.024  1.00 19.96 ? 56  HOH A O     1 
HETATM 507 O  O     . HOH D 3 .  ? -9.055  -6.518  -11.217 1.00 38.43 ? 57  HOH A O     1 
HETATM 508 O  O     . HOH D 3 .  ? -7.317  4.644   0.680   1.00 32.29 ? 59  HOH A O     1 
HETATM 509 O  O     . HOH D 3 .  ? -5.083  -0.154  11.589  1.00 27.08 ? 68  HOH A O     1 
HETATM 510 O  O     . HOH D 3 .  ? -0.783  3.741   9.587   1.00 31.82 ? 69  HOH A O     1 
HETATM 511 O  O     . HOH D 3 .  ? 2.058   7.849   -2.961  1.00 50.56 ? 70  HOH A O     1 
HETATM 512 O  O     . HOH D 3 .  ? 0.459   8.465   -0.022  1.00 29.11 ? 71  HOH A O     1 
HETATM 513 O  O     . HOH D 3 .  ? 4.882   4.355   0.036   1.00 39.22 ? 72  HOH A O     1 
HETATM 514 O  O     . HOH D 3 .  ? -3.652  -2.652  -18.874 1.00 28.79 ? 83  HOH A O     1 
HETATM 515 O  O     . HOH D 3 .  ? -1.997  -8.800  10.390  1.00 27.98 ? 86  HOH A O     1 
HETATM 516 O  O     . HOH D 3 .  ? -14.374 -0.807  -6.816  1.00 32.03 ? 87  HOH A O     1 
HETATM 517 O  O     . HOH D 3 .  ? -2.814  -3.697  -7.641  1.00 30.71 ? 90  HOH A O     1 
HETATM 518 O  O     . HOH D 3 .  ? 1.815   0.043   -5.302  1.00 26.28 ? 91  HOH A O     1 
HETATM 519 O  O     . HOH D 3 .  ? -15.329 -4.505  -8.333  1.00 35.19 ? 92  HOH A O     1 
HETATM 520 O  O     . HOH D 3 .  ? 20.801  -5.825  4.312   1.00 28.75 ? 94  HOH A O     1 
HETATM 521 O  O     . HOH D 3 .  ? 2.346   -10.392 6.312   1.00 31.71 ? 95  HOH A O     1 
HETATM 522 O  O     . HOH D 3 .  ? 10.069  -4.332  15.167  1.00 41.63 ? 96  HOH A O     1 
HETATM 523 O  O     . HOH D 3 .  ? 4.981   5.467   2.526   1.00 36.33 ? 97  HOH A O     1 
HETATM 524 O  O     . HOH D 3 .  ? 17.954  -12.535 4.999   1.00 31.75 ? 104 HOH A O     1 
HETATM 525 O  O     . HOH D 3 .  ? 2.285   -1.032  -12.224 1.00 38.96 ? 105 HOH A O     1 
HETATM 526 O  O     . HOH D 3 .  ? -0.089  -3.541  -13.561 1.00 48.21 ? 106 HOH A O     1 
HETATM 527 O  O     . HOH D 3 .  ? -6.430  -5.284  -8.463  1.00 27.60 ? 107 HOH A O     1 
HETATM 528 O  O     . HOH D 3 .  ? -8.479  6.733   2.438   1.00 36.25 ? 108 HOH A O     1 
HETATM 529 O  O     . HOH D 3 .  ? -7.891  5.752   -1.533  1.00 46.52 ? 109 HOH A O     1 
HETATM 530 O  O     . HOH D 3 .  ? 5.524   -0.326  -6.741  1.00 38.54 ? 110 HOH A O     1 
HETATM 531 O  O     . HOH D 3 .  ? -16.828 -4.278  -13.567 1.00 38.58 ? 111 HOH A O     1 
HETATM 532 O  O     . HOH D 3 .  ? -17.377 -3.249  -10.147 1.00 49.48 ? 113 HOH A O     1 
HETATM 533 O  O     . HOH D 3 .  ? -16.974 -1.598  -12.798 1.00 40.03 ? 114 HOH A O     1 
HETATM 534 O  O     . HOH D 3 .  ? -4.817  -6.745  -6.455  1.00 31.15 ? 115 HOH A O     1 
HETATM 535 O  O     . HOH D 3 .  ? 0.570   11.906  -6.951  1.00 44.66 ? 116 HOH A O     1 
HETATM 536 O  O     . HOH D 3 .  ? -0.170  12.531  -9.550  1.00 44.89 ? 117 HOH A O     1 
HETATM 537 O  O     . HOH D 3 .  ? -3.045  13.885  -9.812  1.00 40.46 ? 118 HOH A O     1 
HETATM 538 O  O     . HOH D 3 .  ? 0.259   -2.296  -8.329  1.00 42.65 ? 119 HOH A O     1 
HETATM 539 O  O     . HOH D 3 .  ? 14.615  -9.737  15.345  1.00 52.07 ? 120 HOH A O     1 
HETATM 540 O  O     . HOH D 3 .  ? -7.411  -9.331  -10.882 1.00 41.16 ? 123 HOH A O     1 
HETATM 541 O  O     . HOH D 3 .  ? -7.851  -8.450  -17.507 1.00 54.99 ? 124 HOH A O     1 
HETATM 542 O  O     . HOH D 3 .  ? 1.349   2.294   9.974   1.00 47.14 ? 126 HOH A O     1 
HETATM 543 O  O     . HOH D 3 .  ? -19.399 -0.657  -9.875  1.00 42.36 ? 128 HOH A O     1 
HETATM 544 O  O     . HOH D 3 .  ? 7.671   6.069   4.667   1.00 42.36 ? 129 HOH A O     1 
HETATM 545 O  O     . HOH D 3 .  ? -6.341  3.972   11.222  1.00 45.64 ? 130 HOH A O     1 
HETATM 546 O  O     . HOH D 3 .  ? 4.647   -6.076  13.477  1.00 45.90 ? 132 HOH A O     1 
HETATM 547 O  O     . HOH D 3 .  ? 2.630   -0.435  -8.482  1.00 56.09 ? 134 HOH A O     1 
HETATM 548 O  O     . HOH D 3 .  ? 3.880   2.561   -9.753  1.00 49.57 ? 135 HOH A O     1 
HETATM 549 O  O     . HOH D 3 .  ? -2.085  15.870  -11.683 1.00 36.32 ? 136 HOH A O     1 
HETATM 550 O  O     . HOH D 3 .  ? -5.284  -8.732  -15.731 1.00 45.85 ? 138 HOH A O     1 
HETATM 551 O  O     . HOH D 3 .  ? -7.969  8.973   -2.107  1.00 57.71 ? 139 HOH A O     1 
HETATM 552 O  O     . HOH D 3 .  ? -5.238  -6.898  -12.413 1.00 59.62 ? 141 HOH A O     1 
HETATM 553 O  O     . HOH D 3 .  ? 0.650   10.658  -4.473  1.00 48.31 ? 146 HOH A O     1 
HETATM 554 O  O     . HOH D 3 .  ? -16.676 -6.024  -11.083 1.00 74.35 ? 147 HOH A O     1 
HETATM 555 O  O     . HOH D 3 .  ? -13.037 -4.797  -8.762  1.00 31.63 ? 148 HOH A O     1 
HETATM 556 O  O     . HOH D 3 .  ? -12.010 -2.278  -8.094  1.00 18.25 ? 150 HOH A O     1 
HETATM 557 O  O     . HOH D 3 .  ? -10.370 -4.164  -9.380  1.00 31.54 ? 153 HOH A O     1 
HETATM 558 O  O     . HOH E 3 .  ? -5.682  1.961   1.458   1.00 16.15 ? 27  HOH B O     1 
HETATM 559 O  O     . HOH E 3 .  ? 3.288   -6.752  4.728   1.00 21.14 ? 32  HOH B O     1 
HETATM 560 O  O     . HOH E 3 .  ? 6.055   -5.922  4.095   1.00 31.99 ? 33  HOH B O     1 
HETATM 561 O  O     . HOH E 3 .  ? 8.843   -0.275  14.523  1.00 32.60 ? 36  HOH B O     1 
HETATM 562 O  O     . HOH E 3 .  ? 8.074   3.335   12.795  1.00 22.98 ? 37  HOH B O     1 
HETATM 563 O  O     . HOH E 3 .  ? 6.265   1.027   -0.907  1.00 22.85 ? 39  HOH B O     1 
HETATM 564 O  O     . HOH E 3 .  ? 3.913   1.147   -2.212  1.00 24.53 ? 40  HOH B O     1 
HETATM 565 O  O     . HOH E 3 .  ? 4.702   -2.146  -3.351  1.00 44.84 ? 41  HOH B O     1 
HETATM 566 O  O     . HOH E 3 .  ? 4.207   -4.138  -5.397  1.00 30.64 ? 42  HOH B O     1 
HETATM 567 O  O     . HOH E 3 .  ? 11.183  3.037   20.376  1.00 31.82 ? 44  HOH B O     1 
HETATM 568 O  O     . HOH E 3 .  ? 9.524   5.163   -0.812  1.00 27.32 ? 45  HOH B O     1 
HETATM 569 O  O     . HOH E 3 .  ? 13.000  11.322  11.283  1.00 30.94 ? 46  HOH B O     1 
HETATM 570 O  O     . HOH E 3 .  ? 14.260  -2.454  -1.502  1.00 36.44 ? 47  HOH B O     1 
HETATM 571 O  O     . HOH E 3 .  ? -0.002  -7.851  -2.314  1.00 31.83 ? 48  HOH B O     1 
HETATM 572 O  O     . HOH E 3 .  ? -4.070  -8.636  -1.548  1.00 21.11 ? 49  HOH B O     1 
HETATM 573 O  O     . HOH E 3 .  ? -8.943  -8.447  3.113   1.00 34.69 ? 50  HOH B O     1 
HETATM 574 O  O     . HOH E 3 .  ? -12.183 -2.903  -1.571  1.00 37.71 ? 51  HOH B O     1 
HETATM 575 O  O     . HOH E 3 .  ? -14.011 -0.475  2.412   1.00 20.58 ? 52  HOH B O     1 
HETATM 576 O  O     . HOH E 3 .  ? -12.400 -0.479  5.120   1.00 33.63 ? 53  HOH B O     1 
HETATM 577 O  O     . HOH E 3 .  ? -15.550 13.517  -8.179  1.00 37.89 ? 54  HOH B O     1 
HETATM 578 O  O     . HOH E 3 .  ? -13.575 -2.382  -4.307  1.00 37.30 ? 58  HOH B O     1 
HETATM 579 O  O     . HOH E 3 .  ? -12.791 6.073   4.261   1.00 33.37 ? 60  HOH B O     1 
HETATM 580 O  O     . HOH E 3 .  ? -16.102 3.687   -5.124  1.00 34.27 ? 61  HOH B O     1 
HETATM 581 O  O     . HOH E 3 .  ? 9.586   8.851   9.792   1.00 35.00 ? 62  HOH B O     1 
HETATM 582 O  O     . HOH E 3 .  ? 6.222   5.454   9.312   1.00 57.83 ? 63  HOH B O     1 
HETATM 583 O  O     . HOH E 3 .  ? 6.363   2.485   -4.146  1.00 52.78 ? 64  HOH B O     1 
HETATM 584 O  O     . HOH E 3 .  ? 7.524   -5.415  -5.035  1.00 33.81 ? 65  HOH B O     1 
HETATM 585 O  O     . HOH E 3 .  ? 4.082   -6.579  -3.099  1.00 22.85 ? 66  HOH B O     1 
HETATM 586 O  O     . HOH E 3 .  ? 9.686   -1.328  -6.566  1.00 43.53 ? 67  HOH B O     1 
HETATM 587 O  O     . HOH E 3 .  ? -14.468 0.804   -1.710  1.00 28.41 ? 73  HOH B O     1 
HETATM 588 O  O     . HOH E 3 .  ? 12.169  13.105  12.412  1.00 32.66 ? 74  HOH B O     1 
HETATM 589 O  O     . HOH E 3 .  ? 14.212  10.981  7.999   1.00 27.67 ? 75  HOH B O     1 
HETATM 590 O  O     . HOH E 3 .  ? -15.733 6.409   -8.789  1.00 43.01 ? 76  HOH B O     1 
HETATM 591 O  O     . HOH E 3 .  ? -16.537 2.208   -8.089  1.00 34.12 ? 77  HOH B O     1 
HETATM 592 O  O     . HOH E 3 .  ? 15.698  5.803   0.981   1.00 46.22 ? 78  HOH B O     1 
HETATM 593 O  O     . HOH E 3 .  ? 15.605  3.614   -2.165  1.00 34.54 ? 79  HOH B O     1 
HETATM 594 O  O     . HOH E 3 .  ? -1.381  -6.813  -4.825  1.00 32.52 ? 80  HOH B O     1 
HETATM 595 O  O     . HOH E 3 .  ? -11.569 -5.513  -0.060  1.00 35.54 ? 81  HOH B O     1 
HETATM 596 O  O     . HOH E 3 .  ? -13.351 -2.592  1.159   1.00 28.85 ? 82  HOH B O     1 
HETATM 597 O  O     . HOH E 3 .  ? -12.870 14.491  -7.787  1.00 41.21 ? 84  HOH B O     1 
HETATM 598 O  O     . HOH E 3 .  ? 7.407   -12.710 -1.463  1.00 32.66 ? 85  HOH B O     1 
HETATM 599 O  O     . HOH E 3 .  ? -15.396 1.461   -6.162  1.00 26.95 ? 88  HOH B O     1 
HETATM 600 O  O     . HOH E 3 .  ? -1.926  -4.185  -5.870  1.00 48.65 ? 89  HOH B O     1 
HETATM 601 O  O     . HOH E 3 .  ? -8.901  -7.270  -7.752  1.00 40.69 ? 93  HOH B O     1 
HETATM 602 O  O     . HOH E 3 .  ? 14.905  9.253   13.894  1.00 37.00 ? 98  HOH B O     1 
HETATM 603 O  O     . HOH E 3 .  ? 0.255   -8.606  -6.698  1.00 39.21 ? 99  HOH B O     1 
HETATM 604 O  O     . HOH E 3 .  ? 11.241  10.918  8.773   1.00 47.63 ? 100 HOH B O     1 
HETATM 605 O  O     . HOH E 3 .  ? -2.391  -10.649 -2.693  1.00 39.42 ? 101 HOH B O     1 
HETATM 606 O  O     . HOH E 3 .  ? -3.556  -12.635 -2.859  1.00 38.81 ? 102 HOH B O     1 
HETATM 607 O  O     . HOH E 3 .  ? -8.391  -8.480  0.541   1.00 35.63 ? 103 HOH B O     1 
HETATM 608 O  O     . HOH E 3 .  ? -16.749 3.940   -9.426  1.00 38.93 ? 112 HOH B O     1 
HETATM 609 O  O     . HOH E 3 .  ? -20.773 3.897   -5.902  1.00 59.13 ? 121 HOH B O     1 
HETATM 610 O  O     . HOH E 3 .  ? 12.695  -4.336  -5.243  1.00 59.59 ? 122 HOH B O     1 
HETATM 611 O  O     . HOH E 3 .  ? 9.296   7.051   8.224   1.00 35.63 ? 125 HOH B O     1 
HETATM 612 O  O     . HOH E 3 .  ? 3.657   5.176   9.113   1.00 45.03 ? 127 HOH B O     1 
HETATM 613 O  O     . HOH E 3 .  ? -2.397  -10.997 -6.102  1.00 32.44 ? 131 HOH B O     1 
HETATM 614 O  O     . HOH E 3 .  ? -7.956  -6.253  -1.039  1.00 24.41 ? 133 HOH B O     1 
HETATM 615 O  O     . HOH E 3 .  ? -18.916 1.841   -7.830  1.00 60.76 ? 137 HOH B O     1 
HETATM 616 O  O     . HOH E 3 .  ? 10.354  3.092   17.578  1.00 56.84 ? 140 HOH B O     1 
HETATM 617 O  O     . HOH E 3 .  ? -10.325 14.588  -10.997 1.00 63.65 ? 142 HOH B O     1 
HETATM 618 O  O     . HOH E 3 .  ? 5.120   -4.525  -7.330  1.00 65.33 ? 143 HOH B O     1 
HETATM 619 O  O     . HOH E 3 .  ? 2.231   -7.660  -5.074  1.00 49.33 ? 144 HOH B O     1 
HETATM 620 O  O     . HOH E 3 .  ? 1.302   -5.759  -6.196  1.00 50.87 ? 145 HOH B O     1 
HETATM 621 O  O     . HOH E 3 .  ? -9.892  -3.536  -6.686  1.00 26.57 ? 149 HOH B O     1 
HETATM 622 O  O     . HOH E 3 .  ? -10.932 -6.031  -7.365  1.00 28.14 ? 151 HOH B O     1 
HETATM 623 O  O     . HOH E 3 .  ? -12.562 -4.129  -6.070  1.00 30.35 ? 152 HOH B O     1 
# 
